data_4JU6
#
_entry.id   4JU6
#
_cell.length_a   106.840
_cell.length_b   108.070
_cell.length_c   135.330
_cell.angle_alpha   90.00
_cell.angle_beta   90.00
_cell.angle_gamma   90.00
#
_symmetry.space_group_name_H-M   'P 21 21 21'
#
loop_
_entity.id
_entity.type
_entity.pdbx_description
1 polymer 'Genome polyprotein'
2 non-polymer '2-{[(trans-4-methylcyclohexyl)carbonyl](propan-2-yl)amino}-5-phenoxybenzoic acid'
3 non-polymer 'MAGNESIUM ION'
4 water water
#
_entity_poly.entity_id   1
_entity_poly.type   'polypeptide(L)'
_entity_poly.pdbx_seq_one_letter_code
;SMSYTWTGALITPCAAEESKLPINPLSNSLLRHHNMVYATTSRSASLRQKKVTFDRLQVLDDHYRDVLKEMKAKASTVKA
KLLSIEEACKLTPPHSAKSKFGYGAKDVRNLSSRAVNHIRSVWEDLLEDTETPIDTTIMAKSEVFCVQPEKGGRKPARLI
VFPDLGVRVCEKMALYDVVSTLPQAVMGSSYGFQYSPKQRVEFLVNTWKSKKCPMGFSYDTRCFDSTVTESDIRVEESIY
QCCDLAPEARQAIRSLTERLYIGGPLTNSKGQNCGYRRCRASGVLTTSCGNTLTCYLKATAACRAAKLQDCTMLVNGDDL
VVICESAGTQEDAAALRAFTEAMTRYSAPPGDPPQPEYDLELITSCSSNVSVAHDASGKRVYYLTRDPTTPLARAAWETA
RHTPINSWLGNIIMYAPTLWARMILMTHFFSILLAQEQLEKALDCQIYGACYSIEPLDLPQIIERLHGLSAFTLHSYSPG
EINRVASCLRKLGVPPLRTWRHRARSVRAKLLSQGGRAATCGRYLFNWAVRTKLKLTPIPAASQLDLSGWFVAGYSGGDI
YHSLSRARPRHHHHHH
;
_entity_poly.pdbx_strand_id   A,B
#
loop_
_chem_comp.id
_chem_comp.type
_chem_comp.name
_chem_comp.formula
1O6 non-polymer '2-{[(trans-4-methylcyclohexyl)carbonyl](propan-2-yl)amino}-5-phenoxybenzoic acid' 'C24 H29 N O4'
MG non-polymer 'MAGNESIUM ION' 'Mg 2'
#
# COMPACT_ATOMS: atom_id res chain seq x y z
N SER A 1 -12.10 -14.47 18.18
CA SER A 1 -12.12 -13.96 19.57
C SER A 1 -13.44 -13.27 19.89
N MET A 2 -13.67 -13.01 21.17
CA MET A 2 -14.88 -12.37 21.66
C MET A 2 -14.93 -10.88 21.31
N SER A 3 -16.01 -10.46 20.65
CA SER A 3 -16.18 -9.06 20.27
C SER A 3 -15.98 -8.15 21.48
N TYR A 4 -16.38 -8.63 22.65
CA TYR A 4 -16.22 -7.87 23.90
C TYR A 4 -16.03 -8.80 25.09
N THR A 5 -15.40 -8.27 26.15
CA THR A 5 -15.20 -9.00 27.40
C THR A 5 -15.70 -8.02 28.46
N TRP A 6 -16.33 -8.52 29.51
CA TRP A 6 -16.84 -7.62 30.53
C TRP A 6 -16.27 -7.90 31.91
N THR A 7 -16.07 -6.84 32.70
CA THR A 7 -15.52 -7.00 34.05
C THR A 7 -16.63 -7.14 35.08
N GLY A 8 -17.75 -6.48 34.81
CA GLY A 8 -18.87 -6.52 35.73
C GLY A 8 -19.33 -5.11 36.02
N ALA A 9 -18.41 -4.15 35.95
CA ALA A 9 -18.76 -2.75 36.19
C ALA A 9 -19.81 -2.38 35.16
N LEU A 10 -20.81 -1.64 35.58
CA LEU A 10 -21.89 -1.25 34.68
C LEU A 10 -21.58 -0.09 33.75
N ILE A 11 -22.28 -0.03 32.63
CA ILE A 11 -22.12 1.10 31.72
C ILE A 11 -23.02 2.14 32.39
N THR A 12 -22.40 3.19 32.90
CA THR A 12 -23.09 4.23 33.65
C THR A 12 -23.32 5.53 32.90
N PRO A 13 -24.39 6.26 33.28
CA PRO A 13 -24.70 7.54 32.64
C PRO A 13 -23.85 8.63 33.28
N CYS A 14 -23.84 9.83 32.71
CA CYS A 14 -23.07 10.91 33.32
C CYS A 14 -23.98 12.09 33.67
N ALA A 15 -25.13 11.79 34.27
CA ALA A 15 -26.12 12.78 34.70
C ALA A 15 -27.50 12.12 34.66
N ALA A 16 -28.54 12.92 34.78
CA ALA A 16 -29.92 12.41 34.75
C ALA A 16 -30.32 12.09 33.31
N GLU A 17 -31.06 11.00 33.11
CA GLU A 17 -31.46 10.62 31.77
C GLU A 17 -32.99 10.63 31.62
N GLU A 18 -33.48 11.46 30.70
CA GLU A 18 -34.93 11.57 30.45
C GLU A 18 -35.35 10.40 29.57
N SER A 19 -36.38 9.68 29.98
CA SER A 19 -36.84 8.57 29.17
C SER A 19 -38.20 8.86 28.52
N LYS A 20 -39.04 9.66 29.18
CA LYS A 20 -40.34 9.97 28.59
C LYS A 20 -40.44 11.37 27.98
N LEU A 21 -41.41 11.55 27.10
CA LEU A 21 -41.60 12.83 26.44
C LEU A 21 -42.34 13.74 27.37
N PRO A 22 -41.81 14.95 27.59
CA PRO A 22 -42.45 15.93 28.47
C PRO A 22 -43.79 16.36 27.87
N ILE A 23 -44.80 16.51 28.72
CA ILE A 23 -46.10 16.95 28.25
C ILE A 23 -45.89 18.45 28.03
N ASN A 24 -45.82 18.82 26.75
CA ASN A 24 -45.53 20.20 26.34
C ASN A 24 -46.67 20.76 25.49
N PRO A 25 -47.01 22.04 25.68
CA PRO A 25 -48.10 22.65 24.92
C PRO A 25 -47.85 22.63 23.41
N LEU A 26 -46.58 22.66 23.02
CA LEU A 26 -46.20 22.65 21.61
C LEU A 26 -46.00 21.26 21.02
N SER A 27 -45.46 20.33 21.81
CA SER A 27 -45.25 18.98 21.29
C SER A 27 -46.60 18.31 21.08
N ASN A 28 -47.57 18.68 21.91
CA ASN A 28 -48.90 18.11 21.83
C ASN A 28 -49.62 18.44 20.53
N SER A 29 -49.31 19.58 19.91
CA SER A 29 -49.96 19.97 18.65
C SER A 29 -49.37 19.20 17.46
N LEU A 30 -48.21 18.58 17.67
CA LEU A 30 -47.56 17.79 16.64
C LEU A 30 -47.94 16.32 16.75
N LEU A 31 -47.94 15.81 17.97
CA LEU A 31 -48.23 14.41 18.23
C LEU A 31 -48.96 14.30 19.57
N ARG A 32 -50.11 13.63 19.58
CA ARG A 32 -50.90 13.48 20.80
C ARG A 32 -50.55 12.28 21.66
N HIS A 33 -50.15 11.16 21.05
CA HIS A 33 -49.80 9.98 21.84
C HIS A 33 -48.36 10.06 22.36
N HIS A 34 -48.12 11.00 23.26
CA HIS A 34 -46.80 11.21 23.83
C HIS A 34 -46.20 10.00 24.56
N ASN A 35 -47.05 9.07 24.99
CA ASN A 35 -46.58 7.89 25.71
C ASN A 35 -45.97 6.83 24.80
N MET A 36 -46.12 7.01 23.49
CA MET A 36 -45.55 6.06 22.56
C MET A 36 -44.13 6.49 22.20
N VAL A 37 -43.75 7.69 22.64
CA VAL A 37 -42.44 8.23 22.35
C VAL A 37 -41.49 8.02 23.53
N TYR A 38 -40.29 7.53 23.25
CA TYR A 38 -39.35 7.29 24.32
C TYR A 38 -37.91 7.46 23.86
N ALA A 39 -37.01 7.63 24.82
CA ALA A 39 -35.59 7.79 24.55
C ALA A 39 -34.81 6.74 25.31
N THR A 40 -33.86 6.09 24.64
CA THR A 40 -33.02 5.07 25.26
C THR A 40 -32.17 5.68 26.38
N THR A 41 -31.85 4.85 27.37
CA THR A 41 -31.02 5.28 28.48
C THR A 41 -30.10 4.12 28.85
N SER A 42 -29.13 4.37 29.74
CA SER A 42 -28.19 3.35 30.16
C SER A 42 -28.88 2.20 30.87
N ARG A 43 -30.13 2.43 31.27
CA ARG A 43 -30.89 1.42 31.98
C ARG A 43 -31.15 0.20 31.11
N SER A 44 -30.95 0.34 29.80
CA SER A 44 -31.14 -0.78 28.89
C SER A 44 -29.82 -1.24 28.31
N ALA A 45 -28.72 -0.73 28.83
CA ALA A 45 -27.39 -1.08 28.34
C ALA A 45 -27.07 -2.57 28.47
N SER A 46 -27.42 -3.18 29.60
CA SER A 46 -27.16 -4.61 29.79
C SER A 46 -27.77 -5.44 28.65
N LEU A 47 -28.98 -5.09 28.23
CA LEU A 47 -29.65 -5.81 27.15
C LEU A 47 -28.88 -5.70 25.84
N ARG A 48 -28.28 -4.53 25.63
CA ARG A 48 -27.52 -4.30 24.42
C ARG A 48 -26.21 -5.08 24.47
N GLN A 49 -25.52 -4.97 25.60
CA GLN A 49 -24.25 -5.65 25.80
C GLN A 49 -24.32 -7.13 25.46
N LYS A 50 -25.41 -7.78 25.85
CA LYS A 50 -25.53 -9.19 25.56
C LYS A 50 -25.71 -9.46 24.07
N LYS A 51 -26.29 -8.51 23.34
CA LYS A 51 -26.49 -8.73 21.91
C LYS A 51 -25.22 -8.55 21.09
N VAL A 52 -24.40 -7.56 21.43
CA VAL A 52 -23.17 -7.32 20.67
C VAL A 52 -21.97 -8.18 21.09
N THR A 53 -22.12 -8.95 22.17
CA THR A 53 -21.04 -9.79 22.64
C THR A 53 -21.13 -11.23 22.12
N PHE A 54 -20.16 -11.64 21.32
CA PHE A 54 -20.12 -13.00 20.78
C PHE A 54 -18.79 -13.28 20.12
N ASP A 55 -18.54 -14.57 19.87
CA ASP A 55 -17.29 -15.02 19.26
C ASP A 55 -17.45 -14.90 17.75
N ARG A 56 -16.49 -14.27 17.09
CA ARG A 56 -16.61 -14.11 15.65
C ARG A 56 -16.02 -15.28 14.86
N LEU A 57 -16.71 -15.64 13.80
CA LEU A 57 -16.30 -16.70 12.89
C LEU A 57 -15.83 -16.06 11.60
N GLN A 58 -14.70 -16.48 11.07
CA GLN A 58 -14.24 -15.89 9.83
C GLN A 58 -13.37 -16.82 9.01
N VAL A 59 -13.74 -16.97 7.74
CA VAL A 59 -13.00 -17.81 6.82
C VAL A 59 -12.88 -17.00 5.55
N LEU A 60 -11.64 -16.75 5.14
CA LEU A 60 -11.38 -15.97 3.93
C LEU A 60 -11.02 -16.86 2.75
N ASP A 61 -11.58 -16.55 1.59
CA ASP A 61 -11.31 -17.34 0.40
C ASP A 61 -10.68 -16.50 -0.71
N ASP A 62 -10.47 -17.11 -1.87
CA ASP A 62 -9.86 -16.43 -3.00
C ASP A 62 -10.64 -15.22 -3.53
N HIS A 63 -11.98 -15.28 -3.52
CA HIS A 63 -12.75 -14.14 -3.99
C HIS A 63 -12.46 -12.89 -3.17
N TYR A 64 -12.35 -13.06 -1.87
CA TYR A 64 -12.08 -11.98 -0.94
C TYR A 64 -10.72 -11.37 -1.29
N ARG A 65 -9.70 -12.20 -1.24
CA ARG A 65 -8.36 -11.73 -1.56
C ARG A 65 -8.32 -11.03 -2.91
N ASP A 66 -9.01 -11.58 -3.89
CA ASP A 66 -9.02 -10.95 -5.21
C ASP A 66 -9.58 -9.53 -5.17
N VAL A 67 -10.76 -9.37 -4.58
CA VAL A 67 -11.39 -8.06 -4.49
C VAL A 67 -10.50 -7.11 -3.68
N LEU A 68 -9.88 -7.64 -2.64
CA LEU A 68 -9.01 -6.85 -1.79
C LEU A 68 -7.89 -6.24 -2.61
N LYS A 69 -7.26 -7.03 -3.46
CA LYS A 69 -6.18 -6.53 -4.30
C LYS A 69 -6.67 -5.49 -5.30
N GLU A 70 -7.87 -5.71 -5.81
CA GLU A 70 -8.47 -4.78 -6.73
C GLU A 70 -8.62 -3.45 -6.00
N MET A 71 -9.16 -3.52 -4.79
CA MET A 71 -9.35 -2.33 -4.00
C MET A 71 -8.02 -1.64 -3.71
N LYS A 72 -7.01 -2.41 -3.33
CA LYS A 72 -5.70 -1.83 -3.04
C LYS A 72 -5.08 -1.14 -4.23
N ALA A 73 -5.27 -1.69 -5.42
CA ALA A 73 -4.71 -1.09 -6.61
C ALA A 73 -5.23 0.33 -6.77
N LYS A 74 -6.54 0.50 -6.58
CA LYS A 74 -7.15 1.81 -6.70
C LYS A 74 -6.70 2.74 -5.59
N ALA A 75 -6.61 2.21 -4.37
CA ALA A 75 -6.16 3.01 -3.24
C ALA A 75 -4.77 3.53 -3.55
N SER A 76 -4.01 2.72 -4.30
CA SER A 76 -2.64 3.02 -4.69
C SER A 76 -2.45 4.33 -5.44
N THR A 77 -3.53 4.89 -6.00
CA THR A 77 -3.47 6.13 -6.74
C THR A 77 -3.57 7.34 -5.84
N VAL A 78 -3.95 7.11 -4.59
CA VAL A 78 -4.18 8.19 -3.65
C VAL A 78 -3.01 8.87 -2.98
N LYS A 79 -3.18 10.19 -2.78
CA LYS A 79 -2.18 10.98 -2.10
C LYS A 79 -2.82 11.77 -0.97
N ALA A 80 -2.70 11.25 0.26
CA ALA A 80 -3.27 11.90 1.46
C ALA A 80 -2.32 12.94 2.03
N LYS A 81 -2.87 14.08 2.44
CA LYS A 81 -2.06 15.19 2.91
C LYS A 81 -1.58 15.32 4.35
N LEU A 82 -2.44 15.11 5.34
CA LEU A 82 -2.02 15.28 6.74
C LEU A 82 -2.37 16.72 7.15
N LEU A 83 -3.30 16.86 8.07
CA LEU A 83 -3.71 18.17 8.52
C LEU A 83 -2.82 18.65 9.65
N SER A 84 -2.65 19.97 9.76
CA SER A 84 -1.87 20.55 10.84
C SER A 84 -2.81 20.61 12.04
N ILE A 85 -2.26 20.79 13.23
CA ILE A 85 -3.10 20.84 14.43
C ILE A 85 -4.22 21.87 14.21
N GLU A 86 -3.84 23.04 13.73
CA GLU A 86 -4.75 24.14 13.44
C GLU A 86 -6.02 23.71 12.70
N GLU A 87 -5.84 23.00 11.59
CA GLU A 87 -7.00 22.54 10.81
C GLU A 87 -7.82 21.49 11.54
N ALA A 88 -7.16 20.48 12.11
CA ALA A 88 -7.86 19.43 12.83
C ALA A 88 -8.72 20.03 13.93
N CYS A 89 -8.20 21.07 14.59
CA CYS A 89 -8.91 21.76 15.65
C CYS A 89 -10.13 22.46 15.08
N LYS A 90 -9.95 23.08 13.92
CA LYS A 90 -11.02 23.80 13.26
C LYS A 90 -12.19 22.86 12.97
N LEU A 91 -11.87 21.56 12.85
CA LEU A 91 -12.86 20.54 12.53
C LEU A 91 -13.62 19.99 13.73
N THR A 92 -13.19 20.35 14.92
CA THR A 92 -13.83 19.90 16.14
C THR A 92 -15.11 20.67 16.43
N PRO A 93 -16.20 19.94 16.69
CA PRO A 93 -17.49 20.57 16.98
C PRO A 93 -17.43 21.36 18.29
N PRO A 94 -17.99 22.57 18.31
CA PRO A 94 -18.01 23.45 19.49
C PRO A 94 -18.53 22.79 20.76
N HIS A 95 -19.44 21.84 20.59
CA HIS A 95 -20.07 21.14 21.70
C HIS A 95 -19.67 19.66 21.83
N SER A 96 -18.41 19.35 21.55
CA SER A 96 -17.90 17.98 21.63
C SER A 96 -17.37 17.65 23.02
N ALA A 97 -17.53 16.41 23.44
CA ALA A 97 -17.09 15.96 24.75
C ALA A 97 -15.71 16.46 25.15
N LYS A 98 -15.65 17.11 26.31
CA LYS A 98 -14.41 17.65 26.82
C LYS A 98 -13.36 16.58 27.06
N SER A 99 -12.12 17.03 27.25
CA SER A 99 -11.00 16.15 27.50
C SER A 99 -10.83 16.02 29.00
N LYS A 100 -10.19 14.95 29.44
CA LYS A 100 -9.97 14.75 30.87
C LYS A 100 -8.61 15.33 31.23
N PHE A 101 -7.99 16.00 30.26
CA PHE A 101 -6.68 16.60 30.46
C PHE A 101 -6.67 18.13 30.57
N GLY A 102 -7.73 18.66 31.19
CA GLY A 102 -7.80 20.08 31.45
C GLY A 102 -8.32 21.04 30.40
N TYR A 103 -8.97 20.53 29.37
CA TYR A 103 -9.50 21.44 28.36
C TYR A 103 -10.71 20.82 27.67
N GLY A 104 -11.42 21.67 26.95
CA GLY A 104 -12.61 21.20 26.27
C GLY A 104 -12.73 21.64 24.82
N ALA A 105 -13.90 21.38 24.26
CA ALA A 105 -14.22 21.72 22.88
C ALA A 105 -13.79 23.13 22.49
N LYS A 106 -14.32 24.12 23.22
CA LYS A 106 -14.04 25.52 22.95
C LYS A 106 -12.55 25.88 22.92
N ASP A 107 -11.77 25.32 23.83
CA ASP A 107 -10.35 25.61 23.87
C ASP A 107 -9.71 25.06 22.60
N VAL A 108 -10.09 23.83 22.23
CA VAL A 108 -9.54 23.21 21.03
C VAL A 108 -9.74 24.12 19.84
N ARG A 109 -10.98 24.53 19.57
CA ARG A 109 -11.27 25.41 18.44
C ARG A 109 -10.58 26.78 18.57
N ASN A 110 -10.35 27.23 19.82
CA ASN A 110 -9.69 28.51 20.10
C ASN A 110 -8.19 28.37 20.18
N LEU A 111 -7.70 27.17 19.89
CA LEU A 111 -6.26 26.86 19.94
C LEU A 111 -5.59 27.37 21.21
N SER A 112 -6.15 27.00 22.37
CA SER A 112 -5.56 27.44 23.64
C SER A 112 -4.24 26.69 23.87
N SER A 113 -3.28 27.40 24.44
CA SER A 113 -1.97 26.84 24.72
C SER A 113 -2.03 25.47 25.36
N ARG A 114 -2.91 25.31 26.33
CA ARG A 114 -3.03 24.05 27.05
C ARG A 114 -3.56 22.91 26.16
N ALA A 115 -4.56 23.22 25.33
CA ALA A 115 -5.14 22.23 24.44
C ALA A 115 -4.17 21.79 23.34
N VAL A 116 -3.53 22.75 22.68
CA VAL A 116 -2.58 22.43 21.62
C VAL A 116 -1.35 21.70 22.14
N ASN A 117 -0.85 22.12 23.32
CA ASN A 117 0.32 21.47 23.89
C ASN A 117 0.01 20.01 24.23
N HIS A 118 -1.18 19.75 24.78
CA HIS A 118 -1.53 18.37 25.09
C HIS A 118 -1.67 17.55 23.80
N ILE A 119 -2.45 18.07 22.86
CA ILE A 119 -2.66 17.41 21.58
C ILE A 119 -1.32 17.03 20.96
N ARG A 120 -0.36 17.96 21.02
CA ARG A 120 0.98 17.71 20.48
C ARG A 120 1.62 16.50 21.14
N SER A 121 1.53 16.42 22.47
CA SER A 121 2.13 15.32 23.19
C SER A 121 1.47 13.98 22.87
N VAL A 122 0.17 14.01 22.57
CA VAL A 122 -0.54 12.79 22.21
C VAL A 122 -0.05 12.36 20.81
N TRP A 123 0.22 13.32 19.95
CA TRP A 123 0.69 13.00 18.60
C TRP A 123 2.09 12.39 18.70
N GLU A 124 2.98 13.04 19.44
CA GLU A 124 4.33 12.52 19.60
C GLU A 124 4.25 11.10 20.14
N ASP A 125 3.38 10.89 21.13
CA ASP A 125 3.20 9.58 21.74
C ASP A 125 2.77 8.56 20.68
N LEU A 126 1.85 8.95 19.79
CA LEU A 126 1.42 8.06 18.74
C LEU A 126 2.61 7.70 17.84
N LEU A 127 3.58 8.59 17.74
CA LEU A 127 4.75 8.33 16.92
C LEU A 127 5.77 7.43 17.62
N GLU A 128 5.87 7.56 18.95
CA GLU A 128 6.85 6.77 19.71
C GLU A 128 6.33 5.43 20.24
N ASP A 129 5.08 5.40 20.69
CA ASP A 129 4.48 4.19 21.22
C ASP A 129 3.60 3.56 20.15
N THR A 130 4.02 2.39 19.67
CA THR A 130 3.29 1.67 18.64
C THR A 130 2.42 0.55 19.21
N GLU A 131 2.45 0.38 20.52
CA GLU A 131 1.68 -0.70 21.13
C GLU A 131 0.62 -0.40 22.18
N THR A 132 1.03 0.17 23.31
CA THR A 132 0.09 0.44 24.40
C THR A 132 -1.34 0.81 24.03
N PRO A 133 -2.32 -0.05 24.39
CA PRO A 133 -3.73 0.19 24.09
C PRO A 133 -4.27 1.51 24.62
N ILE A 134 -4.86 2.29 23.72
CA ILE A 134 -5.43 3.59 24.04
C ILE A 134 -6.78 3.45 24.74
N ASP A 135 -6.95 4.23 25.81
CA ASP A 135 -8.18 4.22 26.59
C ASP A 135 -9.39 4.82 25.87
N THR A 136 -10.54 4.19 26.04
CA THR A 136 -11.80 4.65 25.44
C THR A 136 -12.87 4.69 26.52
N THR A 137 -13.90 5.50 26.31
CA THR A 137 -15.00 5.55 27.26
C THR A 137 -16.19 4.93 26.54
N ILE A 138 -16.95 4.10 27.24
CA ILE A 138 -18.11 3.47 26.63
C ILE A 138 -19.36 4.06 27.30
N MET A 139 -20.31 4.49 26.48
CA MET A 139 -21.54 5.11 26.98
C MET A 139 -22.76 4.60 26.25
N ALA A 140 -23.91 4.67 26.92
CA ALA A 140 -25.16 4.25 26.30
C ALA A 140 -25.68 5.49 25.59
N LYS A 141 -25.91 5.37 24.28
CA LYS A 141 -26.41 6.48 23.50
C LYS A 141 -27.89 6.71 23.78
N SER A 142 -28.27 7.98 23.84
CA SER A 142 -29.67 8.34 24.08
C SER A 142 -30.34 8.77 22.78
N GLU A 143 -31.19 7.90 22.24
CA GLU A 143 -31.91 8.17 20.98
C GLU A 143 -33.41 7.98 21.13
N VAL A 144 -34.18 8.74 20.36
CA VAL A 144 -35.63 8.67 20.41
C VAL A 144 -36.30 7.84 19.34
N PHE A 145 -37.33 7.10 19.76
CA PHE A 145 -38.09 6.22 18.87
C PHE A 145 -39.54 6.22 19.33
N CYS A 146 -40.37 5.52 18.56
CA CYS A 146 -41.79 5.32 18.89
C CYS A 146 -41.94 3.83 19.21
N VAL A 147 -42.65 3.51 20.28
CA VAL A 147 -42.82 2.10 20.66
C VAL A 147 -43.30 1.27 19.48
N GLN A 148 -42.97 -0.01 19.49
CA GLN A 148 -43.37 -0.89 18.41
C GLN A 148 -44.33 -1.93 18.94
N PRO A 149 -45.08 -2.60 18.05
CA PRO A 149 -46.04 -3.62 18.47
C PRO A 149 -45.31 -4.80 19.12
N ARG A 154 -39.68 -2.30 22.68
CA ARG A 154 -38.79 -1.10 22.66
C ARG A 154 -37.34 -1.45 22.39
N LYS A 155 -36.61 -0.49 21.83
CA LYS A 155 -35.20 -0.70 21.52
C LYS A 155 -34.27 -0.42 22.69
N PRO A 156 -33.29 -1.29 22.91
CA PRO A 156 -32.32 -1.09 24.00
C PRO A 156 -31.32 -0.08 23.46
N ALA A 157 -30.78 0.79 24.32
CA ALA A 157 -29.84 1.79 23.86
C ALA A 157 -28.65 1.21 23.11
N ARG A 158 -28.09 2.02 22.22
CA ARG A 158 -26.94 1.63 21.44
C ARG A 158 -25.71 2.08 22.25
N LEU A 159 -24.57 1.46 22.00
CA LEU A 159 -23.36 1.81 22.73
C LEU A 159 -22.36 2.51 21.82
N ILE A 160 -21.62 3.45 22.41
CA ILE A 160 -20.61 4.16 21.64
C ILE A 160 -19.28 4.16 22.40
N VAL A 161 -18.20 3.89 21.68
CA VAL A 161 -16.89 3.85 22.26
C VAL A 161 -16.05 4.92 21.58
N PHE A 162 -15.57 5.87 22.36
CA PHE A 162 -14.78 6.95 21.81
C PHE A 162 -13.59 7.27 22.69
N PRO A 163 -12.48 7.68 22.08
CA PRO A 163 -11.27 8.04 22.82
C PRO A 163 -11.37 9.50 23.28
N ASP A 164 -10.32 9.99 23.93
CA ASP A 164 -10.28 11.37 24.43
C ASP A 164 -10.22 12.43 23.31
N LEU A 165 -10.73 13.62 23.60
CA LEU A 165 -10.72 14.70 22.61
C LEU A 165 -9.33 14.88 22.03
N GLY A 166 -8.34 14.85 22.90
CA GLY A 166 -6.96 14.96 22.44
C GLY A 166 -6.67 13.96 21.34
N VAL A 167 -6.94 12.69 21.61
CA VAL A 167 -6.72 11.61 20.63
C VAL A 167 -7.56 11.80 19.36
N ARG A 168 -8.79 12.29 19.51
CA ARG A 168 -9.65 12.52 18.36
C ARG A 168 -9.06 13.57 17.43
N VAL A 169 -8.50 14.63 17.98
CA VAL A 169 -7.90 15.67 17.14
C VAL A 169 -6.74 15.09 16.31
N CYS A 170 -5.96 14.21 16.93
CA CYS A 170 -4.85 13.56 16.23
C CYS A 170 -5.35 12.66 15.08
N GLU A 171 -6.47 11.95 15.32
CA GLU A 171 -7.04 11.08 14.30
C GLU A 171 -7.28 11.94 13.07
N LYS A 172 -7.85 13.12 13.28
CA LYS A 172 -8.11 14.03 12.18
C LYS A 172 -6.81 14.34 11.45
N MET A 173 -5.79 14.73 12.21
CA MET A 173 -4.51 15.11 11.63
C MET A 173 -3.95 14.06 10.69
N ALA A 174 -4.01 12.81 11.10
CA ALA A 174 -3.47 11.74 10.29
C ALA A 174 -4.41 11.09 9.29
N LEU A 175 -5.72 11.12 9.55
CA LEU A 175 -6.65 10.45 8.66
C LEU A 175 -7.84 11.23 8.07
N TYR A 176 -7.97 12.51 8.39
CA TYR A 176 -9.09 13.26 7.84
C TYR A 176 -9.09 13.19 6.32
N ASP A 177 -7.97 13.52 5.71
CA ASP A 177 -7.88 13.49 4.26
C ASP A 177 -8.16 12.09 3.74
N VAL A 178 -7.55 11.08 4.36
CA VAL A 178 -7.76 9.70 3.94
C VAL A 178 -9.24 9.32 3.90
N VAL A 179 -9.91 9.42 5.03
CA VAL A 179 -11.32 9.05 5.12
C VAL A 179 -12.26 9.94 4.31
N SER A 180 -11.75 11.02 3.73
CA SER A 180 -12.58 11.92 2.93
C SER A 180 -12.42 11.67 1.43
N THR A 181 -11.30 11.08 1.05
CA THR A 181 -11.04 10.84 -0.37
C THR A 181 -10.76 9.39 -0.81
N LEU A 182 -10.38 8.51 0.12
CA LEU A 182 -10.08 7.15 -0.31
C LEU A 182 -11.28 6.29 -0.69
N PRO A 183 -12.40 6.41 0.03
CA PRO A 183 -13.60 5.62 -0.26
C PRO A 183 -14.06 5.78 -1.72
N GLN A 184 -14.17 7.04 -2.15
CA GLN A 184 -14.59 7.36 -3.51
C GLN A 184 -13.62 6.80 -4.55
N ALA A 185 -12.32 6.92 -4.28
CA ALA A 185 -11.31 6.43 -5.20
C ALA A 185 -11.33 4.90 -5.33
N VAL A 186 -11.59 4.22 -4.22
CA VAL A 186 -11.63 2.76 -4.22
C VAL A 186 -12.93 2.14 -4.71
N MET A 187 -14.07 2.70 -4.28
CA MET A 187 -15.37 2.14 -4.65
C MET A 187 -16.13 2.86 -5.75
N GLY A 188 -15.65 4.05 -6.12
CA GLY A 188 -16.30 4.80 -7.19
C GLY A 188 -17.78 5.10 -6.96
N SER A 189 -18.59 4.87 -7.98
CA SER A 189 -20.01 5.16 -7.86
C SER A 189 -20.74 4.32 -6.80
N SER A 190 -20.07 3.30 -6.25
CA SER A 190 -20.69 2.48 -5.22
C SER A 190 -20.67 3.16 -3.85
N TYR A 191 -19.85 4.20 -3.70
CA TYR A 191 -19.76 4.94 -2.44
C TYR A 191 -20.95 5.89 -2.31
N GLY A 192 -21.92 5.49 -1.50
CA GLY A 192 -23.13 6.27 -1.30
C GLY A 192 -23.06 7.69 -0.74
N PHE A 193 -22.06 7.98 0.09
CA PHE A 193 -21.96 9.31 0.69
C PHE A 193 -21.54 10.46 -0.26
N GLN A 194 -21.23 10.14 -1.51
CA GLN A 194 -20.84 11.19 -2.44
C GLN A 194 -22.10 11.79 -3.08
N TYR A 195 -23.24 11.14 -2.82
CA TYR A 195 -24.52 11.54 -3.38
C TYR A 195 -25.44 12.31 -2.45
N SER A 196 -26.10 13.31 -3.00
CA SER A 196 -27.07 14.07 -2.25
C SER A 196 -28.27 13.13 -2.37
N PRO A 197 -29.34 13.36 -1.60
CA PRO A 197 -30.51 12.50 -1.69
C PRO A 197 -31.03 12.35 -3.12
N LYS A 198 -31.05 13.45 -3.86
CA LYS A 198 -31.51 13.43 -5.25
C LYS A 198 -30.57 12.63 -6.14
N GLN A 199 -29.27 12.76 -5.88
CA GLN A 199 -28.28 12.03 -6.65
C GLN A 199 -28.30 10.55 -6.29
N ARG A 200 -28.70 10.23 -5.06
CA ARG A 200 -28.79 8.84 -4.64
C ARG A 200 -29.92 8.18 -5.43
N VAL A 201 -31.05 8.87 -5.51
CA VAL A 201 -32.22 8.38 -6.23
C VAL A 201 -31.88 8.15 -7.71
N GLU A 202 -31.26 9.15 -8.33
CA GLU A 202 -30.87 9.07 -9.73
C GLU A 202 -29.94 7.87 -9.94
N PHE A 203 -28.96 7.69 -9.05
CA PHE A 203 -28.05 6.55 -9.19
C PHE A 203 -28.88 5.26 -9.04
N LEU A 204 -29.77 5.20 -8.06
CA LEU A 204 -30.59 4.01 -7.89
C LEU A 204 -31.52 3.77 -9.09
N VAL A 205 -32.23 4.81 -9.54
CA VAL A 205 -33.13 4.64 -10.67
C VAL A 205 -32.41 4.28 -11.97
N ASN A 206 -31.33 4.99 -12.30
CA ASN A 206 -30.62 4.65 -13.53
C ASN A 206 -30.06 3.24 -13.44
N THR A 207 -29.41 2.91 -12.33
CA THR A 207 -28.84 1.58 -12.14
C THR A 207 -29.91 0.51 -12.37
N TRP A 208 -31.11 0.76 -11.84
CA TRP A 208 -32.24 -0.15 -11.95
C TRP A 208 -32.70 -0.32 -13.40
N LYS A 209 -32.71 0.78 -14.15
CA LYS A 209 -33.12 0.75 -15.55
C LYS A 209 -32.08 0.12 -16.46
N SER A 210 -30.80 0.21 -16.08
CA SER A 210 -29.74 -0.37 -16.89
C SER A 210 -29.83 -1.91 -16.92
N LYS A 211 -30.74 -2.49 -16.15
CA LYS A 211 -30.88 -3.94 -16.15
C LYS A 211 -32.04 -4.37 -17.06
N LYS A 212 -31.83 -5.47 -17.78
CA LYS A 212 -32.86 -6.03 -18.67
C LYS A 212 -34.03 -6.44 -17.79
N CYS A 213 -33.72 -7.09 -16.68
CA CYS A 213 -34.72 -7.52 -15.74
C CYS A 213 -34.07 -7.33 -14.37
N PRO A 214 -34.28 -6.17 -13.77
CA PRO A 214 -33.73 -5.81 -12.47
C PRO A 214 -34.21 -6.61 -11.26
N MET A 215 -33.27 -6.91 -10.37
CA MET A 215 -33.57 -7.61 -9.14
C MET A 215 -32.72 -6.90 -8.10
N GLY A 216 -33.31 -6.56 -6.97
CA GLY A 216 -32.52 -5.87 -5.96
C GLY A 216 -32.81 -6.27 -4.53
N PHE A 217 -31.86 -6.00 -3.65
CA PHE A 217 -32.04 -6.33 -2.25
C PHE A 217 -31.18 -5.51 -1.31
N SER A 218 -31.66 -5.36 -0.09
CA SER A 218 -30.93 -4.66 0.94
C SER A 218 -30.38 -5.78 1.81
N TYR A 219 -29.23 -5.54 2.44
CA TYR A 219 -28.62 -6.54 3.30
C TYR A 219 -28.36 -5.91 4.67
N ASP A 220 -28.98 -6.49 5.69
CA ASP A 220 -28.82 -6.02 7.04
C ASP A 220 -27.89 -6.94 7.82
N THR A 221 -26.72 -6.42 8.22
CA THR A 221 -25.80 -7.24 8.96
C THR A 221 -26.16 -7.10 10.43
N ARG A 222 -26.28 -8.23 11.12
CA ARG A 222 -26.61 -8.24 12.54
C ARG A 222 -25.45 -7.61 13.33
N CYS A 223 -25.68 -6.43 13.90
CA CYS A 223 -24.67 -5.72 14.67
C CYS A 223 -23.33 -5.68 13.93
N PHE A 224 -23.33 -4.99 12.79
CA PHE A 224 -22.12 -4.92 11.98
C PHE A 224 -20.83 -4.56 12.72
N ASP A 225 -20.88 -3.61 13.66
CA ASP A 225 -19.68 -3.21 14.37
C ASP A 225 -19.01 -4.33 15.13
N SER A 226 -19.80 -5.19 15.77
CA SER A 226 -19.22 -6.29 16.52
C SER A 226 -18.71 -7.40 15.60
N THR A 227 -19.21 -7.46 14.36
CA THR A 227 -18.75 -8.51 13.43
C THR A 227 -17.40 -8.15 12.83
N VAL A 228 -17.01 -6.89 12.94
CA VAL A 228 -15.73 -6.45 12.39
C VAL A 228 -14.63 -7.12 13.22
N THR A 229 -13.72 -7.81 12.56
CA THR A 229 -12.64 -8.52 13.25
C THR A 229 -11.31 -7.79 13.27
N GLU A 230 -10.40 -8.30 14.09
CA GLU A 230 -9.07 -7.72 14.19
C GLU A 230 -8.45 -7.80 12.81
N SER A 231 -8.77 -8.86 12.10
CA SER A 231 -8.27 -9.05 10.76
C SER A 231 -8.83 -8.00 9.78
N ASP A 232 -10.11 -7.68 9.89
CA ASP A 232 -10.73 -6.72 8.98
C ASP A 232 -10.14 -5.33 9.15
N ILE A 233 -9.79 -5.01 10.38
CA ILE A 233 -9.26 -3.72 10.70
C ILE A 233 -7.83 -3.58 10.22
N ARG A 234 -7.07 -4.67 10.19
CA ARG A 234 -5.71 -4.62 9.70
C ARG A 234 -5.75 -4.62 8.18
N VAL A 235 -6.76 -5.27 7.62
CA VAL A 235 -6.93 -5.31 6.17
C VAL A 235 -7.23 -3.88 5.71
N GLU A 236 -8.03 -3.20 6.51
CA GLU A 236 -8.43 -1.84 6.25
C GLU A 236 -7.23 -0.90 6.34
N GLU A 237 -6.36 -1.13 7.32
CA GLU A 237 -5.15 -0.32 7.48
C GLU A 237 -4.29 -0.56 6.23
N SER A 238 -4.28 -1.81 5.77
CA SER A 238 -3.49 -2.17 4.59
C SER A 238 -3.96 -1.38 3.38
N ILE A 239 -5.24 -1.06 3.32
CA ILE A 239 -5.76 -0.28 2.20
C ILE A 239 -5.24 1.16 2.34
N TYR A 240 -5.34 1.71 3.54
CA TYR A 240 -4.89 3.07 3.81
C TYR A 240 -3.41 3.20 3.51
N GLN A 241 -2.65 2.14 3.80
CA GLN A 241 -1.21 2.13 3.60
C GLN A 241 -0.74 2.20 2.15
N CYS A 242 -1.66 1.98 1.20
CA CYS A 242 -1.29 2.06 -0.21
C CYS A 242 -1.21 3.53 -0.62
N CYS A 243 -1.67 4.42 0.26
CA CYS A 243 -1.64 5.86 0.01
C CYS A 243 -0.24 6.44 0.15
N ASP A 244 0.02 7.53 -0.55
CA ASP A 244 1.30 8.22 -0.40
C ASP A 244 1.05 9.01 0.87
N LEU A 245 1.86 8.77 1.88
CA LEU A 245 1.68 9.43 3.16
C LEU A 245 2.94 10.01 3.74
N ALA A 246 2.80 11.12 4.48
CA ALA A 246 3.94 11.72 5.14
C ALA A 246 4.38 10.64 6.13
N PRO A 247 5.68 10.57 6.43
CA PRO A 247 6.21 9.58 7.37
C PRO A 247 5.47 9.53 8.70
N GLU A 248 5.23 10.71 9.28
CA GLU A 248 4.54 10.79 10.56
C GLU A 248 3.10 10.30 10.47
N ALA A 249 2.45 10.55 9.34
CA ALA A 249 1.06 10.11 9.17
C ALA A 249 1.02 8.58 9.05
N ARG A 250 1.99 8.01 8.35
CA ARG A 250 2.09 6.57 8.16
C ARG A 250 2.25 5.89 9.53
N GLN A 251 3.08 6.46 10.39
CA GLN A 251 3.30 5.90 11.72
C GLN A 251 2.05 6.12 12.59
N ALA A 252 1.38 7.25 12.39
CA ALA A 252 0.17 7.55 13.16
C ALA A 252 -0.94 6.53 12.86
N ILE A 253 -1.09 6.16 11.60
CA ILE A 253 -2.09 5.20 11.20
C ILE A 253 -1.71 3.82 11.75
N ARG A 254 -0.43 3.48 11.64
CA ARG A 254 0.08 2.20 12.14
C ARG A 254 -0.19 2.05 13.63
N SER A 255 0.15 3.08 14.40
CA SER A 255 -0.05 3.07 15.85
C SER A 255 -1.51 3.17 16.25
N LEU A 256 -2.26 4.05 15.59
CA LEU A 256 -3.68 4.19 15.90
C LEU A 256 -4.42 2.90 15.58
N THR A 257 -3.90 2.12 14.63
CA THR A 257 -4.54 0.87 14.25
C THR A 257 -4.44 -0.18 15.36
N GLU A 258 -3.21 -0.39 15.85
CA GLU A 258 -2.90 -1.39 16.88
C GLU A 258 -3.33 -0.95 18.27
N ARG A 259 -3.27 0.35 18.50
CA ARG A 259 -3.60 0.92 19.79
C ARG A 259 -5.06 1.32 19.99
N LEU A 260 -5.75 1.64 18.90
CA LEU A 260 -7.13 2.08 19.04
C LEU A 260 -8.18 1.33 18.23
N TYR A 261 -8.01 1.27 16.91
CA TYR A 261 -9.00 0.65 16.05
C TYR A 261 -9.24 -0.85 16.19
N ILE A 262 -8.20 -1.63 16.50
CA ILE A 262 -8.38 -3.07 16.65
C ILE A 262 -9.02 -3.40 18.00
N GLY A 263 -9.01 -2.44 18.91
CA GLY A 263 -9.59 -2.67 20.21
C GLY A 263 -8.83 -1.98 21.32
N GLY A 264 -9.23 -2.26 22.55
CA GLY A 264 -8.58 -1.63 23.67
C GLY A 264 -9.50 -1.69 24.86
N PRO A 265 -9.03 -1.22 26.03
CA PRO A 265 -9.82 -1.21 27.26
C PRO A 265 -11.02 -0.29 27.22
N LEU A 266 -12.03 -0.67 28.00
CA LEU A 266 -13.28 0.08 28.12
C LEU A 266 -13.44 0.65 29.53
N THR A 267 -13.65 1.96 29.61
CA THR A 267 -13.81 2.64 30.88
C THR A 267 -15.18 3.31 30.88
N ASN A 268 -15.88 3.31 32.03
CA ASN A 268 -17.20 3.96 32.10
C ASN A 268 -17.08 5.43 32.51
N SER A 269 -18.21 6.09 32.68
CA SER A 269 -18.19 7.50 33.03
C SER A 269 -17.60 7.74 34.43
N LYS A 270 -17.72 6.76 35.30
CA LYS A 270 -17.19 6.83 36.67
C LYS A 270 -15.68 6.55 36.69
N GLY A 271 -15.15 6.09 35.57
CA GLY A 271 -13.73 5.80 35.50
C GLY A 271 -13.41 4.36 35.85
N GLN A 272 -14.40 3.48 35.74
CA GLN A 272 -14.20 2.07 36.07
C GLN A 272 -13.91 1.20 34.86
N ASN A 273 -13.02 0.24 35.05
CA ASN A 273 -12.66 -0.69 33.99
C ASN A 273 -13.91 -1.54 33.71
N CYS A 274 -14.50 -1.35 32.53
CA CYS A 274 -15.69 -2.09 32.11
C CYS A 274 -15.36 -3.38 31.39
N GLY A 275 -14.29 -3.36 30.60
CA GLY A 275 -13.93 -4.55 29.86
C GLY A 275 -12.98 -4.32 28.71
N TYR A 276 -13.15 -5.07 27.64
CA TYR A 276 -12.26 -4.95 26.49
C TYR A 276 -13.05 -5.07 25.20
N ARG A 277 -12.51 -4.44 24.15
CA ARG A 277 -13.13 -4.45 22.83
C ARG A 277 -12.18 -5.06 21.80
N ARG A 278 -12.70 -5.91 20.92
CA ARG A 278 -11.92 -6.53 19.86
C ARG A 278 -12.68 -6.44 18.53
N CYS A 279 -13.48 -5.39 18.42
CA CYS A 279 -14.28 -5.13 17.22
C CYS A 279 -14.25 -3.63 16.96
N ARG A 280 -15.04 -3.18 15.99
CA ARG A 280 -15.09 -1.76 15.64
C ARG A 280 -15.64 -0.86 16.74
N ALA A 281 -14.96 0.26 16.99
CA ALA A 281 -15.41 1.25 17.97
C ALA A 281 -16.31 2.16 17.11
N SER A 282 -17.43 2.63 17.65
CA SER A 282 -18.33 3.46 16.87
C SER A 282 -17.99 4.95 16.87
N GLY A 283 -17.21 5.39 17.85
CA GLY A 283 -16.87 6.80 17.90
C GLY A 283 -15.42 7.18 17.60
N VAL A 284 -14.89 6.68 16.49
CA VAL A 284 -13.53 6.97 16.03
C VAL A 284 -13.67 7.49 14.61
N LEU A 285 -12.67 8.25 14.15
CA LEU A 285 -12.70 8.85 12.83
C LEU A 285 -12.84 7.90 11.66
N THR A 286 -12.24 6.73 11.76
CA THR A 286 -12.31 5.74 10.69
C THR A 286 -13.57 4.90 10.61
N THR A 287 -14.46 5.00 11.60
CA THR A 287 -15.67 4.18 11.59
C THR A 287 -16.50 4.11 10.29
N SER A 288 -16.89 5.26 9.74
CA SER A 288 -17.69 5.24 8.53
C SER A 288 -16.88 4.69 7.36
N CYS A 289 -15.73 5.29 7.12
CA CYS A 289 -14.85 4.83 6.04
C CYS A 289 -14.58 3.34 6.18
N GLY A 290 -14.14 2.96 7.39
CA GLY A 290 -13.83 1.59 7.70
C GLY A 290 -14.99 0.65 7.39
N ASN A 291 -16.15 0.91 7.99
CA ASN A 291 -17.32 0.08 7.75
C ASN A 291 -17.73 -0.02 6.30
N THR A 292 -17.68 1.11 5.58
CA THR A 292 -18.04 1.14 4.16
C THR A 292 -17.09 0.23 3.35
N LEU A 293 -15.79 0.40 3.58
CA LEU A 293 -14.79 -0.40 2.88
C LEU A 293 -14.92 -1.89 3.14
N THR A 294 -15.15 -2.26 4.40
CA THR A 294 -15.28 -3.65 4.78
C THR A 294 -16.57 -4.33 4.27
N CYS A 295 -17.67 -3.57 4.24
CA CYS A 295 -18.95 -4.07 3.77
C CYS A 295 -18.86 -4.28 2.25
N TYR A 296 -18.28 -3.30 1.54
CA TYR A 296 -18.10 -3.37 0.10
C TYR A 296 -17.22 -4.56 -0.31
N LEU A 297 -16.15 -4.77 0.45
CA LEU A 297 -15.20 -5.87 0.21
C LEU A 297 -15.86 -7.24 0.35
N LYS A 298 -16.50 -7.49 1.49
CA LYS A 298 -17.16 -8.75 1.76
C LYS A 298 -18.33 -8.95 0.80
N ALA A 299 -19.09 -7.89 0.58
CA ALA A 299 -20.24 -7.95 -0.31
C ALA A 299 -19.82 -8.24 -1.73
N THR A 300 -18.87 -7.49 -2.24
CA THR A 300 -18.42 -7.70 -3.60
C THR A 300 -17.93 -9.12 -3.80
N ALA A 301 -17.13 -9.59 -2.85
CA ALA A 301 -16.60 -10.94 -2.93
C ALA A 301 -17.73 -11.94 -2.75
N ALA A 302 -18.73 -11.59 -1.95
CA ALA A 302 -19.87 -12.46 -1.70
C ALA A 302 -20.65 -12.64 -2.98
N CYS A 303 -20.78 -11.56 -3.74
CA CYS A 303 -21.50 -11.59 -5.02
C CYS A 303 -20.84 -12.53 -6.02
N ARG A 304 -19.52 -12.63 -5.98
CA ARG A 304 -18.81 -13.52 -6.89
C ARG A 304 -19.05 -14.97 -6.50
N ALA A 305 -19.05 -15.25 -5.20
CA ALA A 305 -19.27 -16.62 -4.74
C ALA A 305 -20.68 -17.06 -5.10
N ALA A 306 -21.64 -16.15 -4.94
CA ALA A 306 -23.04 -16.41 -5.20
C ALA A 306 -23.42 -16.49 -6.67
N LYS A 307 -22.52 -16.03 -7.53
CA LYS A 307 -22.79 -16.04 -8.96
C LYS A 307 -23.89 -15.07 -9.33
N LEU A 308 -24.05 -14.01 -8.54
CA LEU A 308 -25.07 -13.01 -8.86
C LEU A 308 -24.54 -12.34 -10.11
N GLN A 309 -25.41 -11.95 -11.05
CA GLN A 309 -24.91 -11.33 -12.26
C GLN A 309 -25.08 -9.81 -12.39
N ASP A 310 -24.03 -9.19 -12.92
CA ASP A 310 -23.96 -7.75 -13.12
C ASP A 310 -24.49 -6.97 -11.92
N CYS A 311 -23.73 -7.06 -10.83
CA CYS A 311 -24.07 -6.39 -9.58
C CYS A 311 -23.59 -4.95 -9.49
N THR A 312 -24.47 -4.09 -9.02
CA THR A 312 -24.12 -2.71 -8.79
C THR A 312 -24.36 -2.55 -7.30
N MET A 313 -23.33 -2.18 -6.55
CA MET A 313 -23.45 -2.00 -5.11
C MET A 313 -23.55 -0.51 -4.80
N LEU A 314 -24.19 -0.21 -3.67
CA LEU A 314 -24.33 1.13 -3.15
C LEU A 314 -24.14 0.93 -1.64
N VAL A 315 -23.02 1.41 -1.12
CA VAL A 315 -22.68 1.23 0.29
C VAL A 315 -22.48 2.52 1.11
N ASN A 316 -23.09 2.56 2.29
CA ASN A 316 -22.97 3.69 3.21
C ASN A 316 -22.69 3.07 4.59
N GLY A 317 -21.43 3.00 4.99
CA GLY A 317 -21.12 2.39 6.27
C GLY A 317 -21.51 0.91 6.26
N ASP A 318 -22.30 0.48 7.23
CA ASP A 318 -22.70 -0.93 7.26
C ASP A 318 -23.95 -1.15 6.41
N ASP A 319 -24.51 -0.07 5.86
CA ASP A 319 -25.73 -0.14 5.04
C ASP A 319 -25.42 -0.53 3.60
N LEU A 320 -26.10 -1.56 3.10
CA LEU A 320 -25.85 -2.04 1.76
C LEU A 320 -27.08 -2.41 0.92
N VAL A 321 -27.01 -2.08 -0.37
CA VAL A 321 -28.06 -2.41 -1.31
C VAL A 321 -27.41 -2.82 -2.61
N VAL A 322 -27.90 -3.93 -3.14
CA VAL A 322 -27.37 -4.49 -4.37
C VAL A 322 -28.46 -4.57 -5.43
N ILE A 323 -28.13 -4.23 -6.67
CA ILE A 323 -29.09 -4.32 -7.76
C ILE A 323 -28.35 -5.12 -8.81
N CYS A 324 -29.02 -6.13 -9.37
CA CYS A 324 -28.39 -6.97 -10.37
C CYS A 324 -29.36 -7.44 -11.45
N GLU A 325 -28.86 -8.30 -12.33
CA GLU A 325 -29.65 -8.87 -13.44
C GLU A 325 -30.36 -10.13 -12.97
N SER A 326 -31.68 -10.16 -13.10
CA SER A 326 -32.41 -11.33 -12.65
C SER A 326 -32.10 -12.58 -13.45
N ALA A 327 -32.22 -13.72 -12.79
CA ALA A 327 -31.97 -15.01 -13.43
C ALA A 327 -33.20 -15.87 -13.22
N GLY A 328 -34.26 -15.26 -12.69
CA GLY A 328 -35.50 -15.96 -12.43
C GLY A 328 -35.80 -15.96 -10.93
N THR A 329 -37.06 -16.16 -10.58
CA THR A 329 -37.46 -16.18 -9.17
C THR A 329 -36.69 -17.19 -8.31
N GLN A 330 -36.70 -18.45 -8.73
CA GLN A 330 -36.02 -19.53 -8.02
C GLN A 330 -34.51 -19.36 -7.96
N GLU A 331 -33.93 -19.02 -9.11
CA GLU A 331 -32.50 -18.84 -9.20
C GLU A 331 -32.02 -17.63 -8.43
N ASP A 332 -32.85 -16.59 -8.33
CA ASP A 332 -32.50 -15.38 -7.59
C ASP A 332 -32.50 -15.69 -6.09
N ALA A 333 -33.50 -16.45 -5.68
CA ALA A 333 -33.65 -16.82 -4.28
C ALA A 333 -32.53 -17.75 -3.83
N ALA A 334 -32.05 -18.59 -4.75
CA ALA A 334 -30.96 -19.50 -4.43
C ALA A 334 -29.67 -18.67 -4.36
N ALA A 335 -29.46 -17.83 -5.37
CA ALA A 335 -28.28 -16.96 -5.40
C ALA A 335 -28.20 -16.10 -4.14
N LEU A 336 -29.31 -15.50 -3.75
CA LEU A 336 -29.36 -14.63 -2.56
C LEU A 336 -28.96 -15.41 -1.31
N ARG A 337 -29.42 -16.65 -1.20
CA ARG A 337 -29.07 -17.50 -0.06
C ARG A 337 -27.58 -17.77 -0.05
N ALA A 338 -27.04 -18.08 -1.22
CA ALA A 338 -25.62 -18.36 -1.34
C ALA A 338 -24.85 -17.09 -0.94
N PHE A 339 -25.38 -15.93 -1.33
CA PHE A 339 -24.75 -14.67 -0.99
C PHE A 339 -24.65 -14.54 0.51
N THR A 340 -25.74 -14.83 1.20
CA THR A 340 -25.76 -14.72 2.64
C THR A 340 -24.76 -15.66 3.33
N GLU A 341 -24.58 -16.86 2.79
CA GLU A 341 -23.63 -17.80 3.37
C GLU A 341 -22.21 -17.28 3.20
N ALA A 342 -21.93 -16.73 2.02
CA ALA A 342 -20.61 -16.17 1.76
C ALA A 342 -20.36 -15.02 2.74
N MET A 343 -21.35 -14.16 2.92
CA MET A 343 -21.18 -13.05 3.85
C MET A 343 -20.99 -13.58 5.27
N THR A 344 -21.69 -14.66 5.62
CA THR A 344 -21.57 -15.23 6.95
C THR A 344 -20.15 -15.77 7.17
N ARG A 345 -19.60 -16.44 6.18
CA ARG A 345 -18.24 -16.95 6.31
C ARG A 345 -17.26 -15.78 6.51
N TYR A 346 -17.54 -14.64 5.85
CA TYR A 346 -16.71 -13.44 5.96
C TYR A 346 -16.96 -12.69 7.27
N SER A 347 -17.75 -13.29 8.15
CA SER A 347 -18.08 -12.69 9.44
C SER A 347 -19.00 -11.48 9.34
N ALA A 348 -20.10 -11.65 8.60
CA ALA A 348 -21.08 -10.59 8.44
C ALA A 348 -22.43 -11.28 8.27
N PRO A 349 -22.86 -12.03 9.30
CA PRO A 349 -24.15 -12.72 9.23
C PRO A 349 -25.27 -11.71 9.15
N PRO A 350 -26.43 -12.13 8.63
CA PRO A 350 -27.58 -11.24 8.50
C PRO A 350 -28.36 -11.13 9.79
N GLY A 351 -29.06 -10.01 9.93
CA GLY A 351 -29.92 -9.84 11.08
C GLY A 351 -31.24 -10.25 10.46
N ASP A 352 -31.77 -9.37 9.63
CA ASP A 352 -33.01 -9.65 8.93
C ASP A 352 -32.64 -10.45 7.69
N PRO A 353 -33.17 -11.66 7.53
CA PRO A 353 -32.74 -12.32 6.30
C PRO A 353 -33.14 -11.45 5.12
N PRO A 354 -32.31 -11.44 4.06
CA PRO A 354 -32.53 -10.68 2.83
C PRO A 354 -33.55 -11.33 1.94
N GLN A 355 -34.28 -10.52 1.19
CA GLN A 355 -35.29 -11.05 0.28
C GLN A 355 -35.19 -10.35 -1.06
N PRO A 356 -35.23 -11.10 -2.16
CA PRO A 356 -35.16 -10.44 -3.46
C PRO A 356 -36.37 -9.53 -3.69
N GLU A 357 -36.11 -8.36 -4.26
CA GLU A 357 -37.14 -7.37 -4.54
C GLU A 357 -37.20 -7.00 -6.01
N TYR A 358 -38.39 -7.12 -6.60
CA TYR A 358 -38.54 -6.82 -8.02
C TYR A 358 -39.20 -5.46 -8.23
N ASP A 359 -39.47 -4.77 -7.14
CA ASP A 359 -40.10 -3.45 -7.14
C ASP A 359 -39.15 -2.44 -6.47
N LEU A 360 -38.58 -1.52 -7.23
CA LEU A 360 -37.66 -0.54 -6.66
C LEU A 360 -38.17 0.22 -5.42
N GLU A 361 -39.42 0.67 -5.44
CA GLU A 361 -40.00 1.42 -4.33
C GLU A 361 -40.04 0.66 -3.03
N LEU A 362 -40.02 -0.66 -3.10
CA LEU A 362 -40.07 -1.49 -1.91
C LEU A 362 -38.72 -1.81 -1.28
N ILE A 363 -37.64 -1.32 -1.88
CA ILE A 363 -36.32 -1.59 -1.34
C ILE A 363 -35.89 -0.45 -0.43
N THR A 364 -35.62 -0.79 0.82
CA THR A 364 -35.19 0.15 1.83
C THR A 364 -33.72 0.02 2.18
N SER A 365 -32.97 1.08 1.89
CA SER A 365 -31.55 1.12 2.21
C SER A 365 -31.35 2.49 2.82
N CYS A 366 -30.47 2.55 3.81
CA CYS A 366 -30.19 3.79 4.51
C CYS A 366 -31.49 4.29 5.13
N SER A 367 -32.30 3.33 5.57
CA SER A 367 -33.59 3.61 6.21
C SER A 367 -34.52 4.37 5.27
N SER A 368 -34.17 4.40 3.99
CA SER A 368 -34.98 5.12 3.03
C SER A 368 -35.27 4.32 1.78
N ASN A 369 -36.18 4.84 0.97
CA ASN A 369 -36.55 4.18 -0.25
C ASN A 369 -36.88 5.23 -1.30
N VAL A 370 -36.81 4.81 -2.56
CA VAL A 370 -37.13 5.67 -3.68
C VAL A 370 -38.63 5.54 -3.92
N SER A 371 -39.26 6.65 -4.26
CA SER A 371 -40.69 6.67 -4.54
C SER A 371 -40.92 7.76 -5.58
N VAL A 372 -42.15 7.84 -6.11
CA VAL A 372 -42.46 8.83 -7.14
C VAL A 372 -43.72 9.68 -6.95
N ALA A 373 -43.65 10.93 -7.40
CA ALA A 373 -44.76 11.87 -7.34
C ALA A 373 -44.78 12.68 -8.64
N HIS A 374 -45.52 13.79 -8.67
CA HIS A 374 -45.60 14.57 -9.91
C HIS A 374 -45.47 16.07 -9.68
N ASP A 375 -44.89 16.78 -10.65
CA ASP A 375 -44.75 18.25 -10.52
C ASP A 375 -45.95 18.97 -11.15
N ALA A 376 -45.88 20.30 -11.19
CA ALA A 376 -46.94 21.14 -11.74
C ALA A 376 -47.32 20.74 -13.16
N SER A 377 -46.32 20.40 -13.97
CA SER A 377 -46.57 20.00 -15.36
C SER A 377 -47.23 18.62 -15.40
N GLY A 378 -47.02 17.82 -14.37
CA GLY A 378 -47.61 16.50 -14.34
C GLY A 378 -46.64 15.38 -14.65
N LYS A 379 -45.37 15.73 -14.83
CA LYS A 379 -44.39 14.70 -15.13
C LYS A 379 -43.95 13.98 -13.86
N ARG A 380 -43.77 12.67 -13.98
CA ARG A 380 -43.34 11.87 -12.84
C ARG A 380 -41.98 12.37 -12.38
N VAL A 381 -41.77 12.38 -11.07
CA VAL A 381 -40.50 12.80 -10.51
C VAL A 381 -40.16 11.92 -9.33
N TYR A 382 -39.01 11.25 -9.41
CA TYR A 382 -38.56 10.36 -8.36
C TYR A 382 -37.92 11.15 -7.24
N TYR A 383 -38.04 10.64 -6.01
CA TYR A 383 -37.46 11.32 -4.84
C TYR A 383 -37.27 10.32 -3.69
N LEU A 384 -36.47 10.72 -2.72
CA LEU A 384 -36.16 9.88 -1.56
C LEU A 384 -37.08 10.14 -0.39
N THR A 385 -37.62 9.08 0.19
CA THR A 385 -38.50 9.19 1.33
C THR A 385 -38.20 8.07 2.33
N ARG A 386 -39.04 7.94 3.34
CA ARG A 386 -38.87 6.92 4.36
C ARG A 386 -40.08 6.97 5.28
N ASP A 387 -40.25 5.92 6.07
CA ASP A 387 -41.35 5.89 7.03
C ASP A 387 -41.03 7.08 7.94
N PRO A 388 -42.02 7.96 8.19
CA PRO A 388 -41.77 9.12 9.04
C PRO A 388 -41.89 8.95 10.56
N THR A 389 -42.22 7.74 11.00
CA THR A 389 -42.38 7.48 12.42
C THR A 389 -41.24 8.05 13.26
N THR A 390 -40.01 7.57 13.07
CA THR A 390 -38.91 8.09 13.87
C THR A 390 -38.69 9.60 13.65
N PRO A 391 -38.58 10.04 12.39
CA PRO A 391 -38.38 11.47 12.18
C PRO A 391 -39.37 12.31 12.99
N LEU A 392 -40.63 11.88 13.01
CA LEU A 392 -41.66 12.61 13.74
C LEU A 392 -41.56 12.50 15.27
N ALA A 393 -41.30 11.30 15.78
CA ALA A 393 -41.16 11.12 17.23
C ALA A 393 -40.05 12.06 17.72
N ARG A 394 -38.99 12.17 16.95
CA ARG A 394 -37.86 13.01 17.30
C ARG A 394 -38.19 14.50 17.15
N ALA A 395 -39.04 14.85 16.19
CA ALA A 395 -39.44 16.24 16.01
C ALA A 395 -40.20 16.66 17.27
N ALA A 396 -41.00 15.74 17.78
CA ALA A 396 -41.80 15.99 18.98
C ALA A 396 -40.87 16.23 20.17
N TRP A 397 -39.95 15.30 20.41
CA TRP A 397 -38.99 15.42 21.50
C TRP A 397 -38.16 16.71 21.42
N GLU A 398 -37.62 17.02 20.25
CA GLU A 398 -36.79 18.22 20.09
C GLU A 398 -37.62 19.48 20.26
N THR A 399 -38.93 19.35 20.11
CA THR A 399 -39.84 20.48 20.28
C THR A 399 -40.03 20.74 21.77
N ALA A 400 -40.13 19.66 22.55
CA ALA A 400 -40.34 19.73 23.99
C ALA A 400 -39.07 20.00 24.80
N ARG A 401 -37.92 19.54 24.30
CA ARG A 401 -36.64 19.73 25.01
C ARG A 401 -35.53 20.25 24.10
N HIS A 402 -34.58 20.96 24.70
CA HIS A 402 -33.44 21.49 23.94
C HIS A 402 -32.43 20.38 23.69
N THR A 403 -32.07 20.18 22.42
CA THR A 403 -31.11 19.16 22.05
C THR A 403 -29.98 19.78 21.24
N PRO A 404 -28.76 19.25 21.40
CA PRO A 404 -27.61 19.78 20.66
C PRO A 404 -27.86 19.74 19.15
N ILE A 405 -28.33 18.59 18.67
CA ILE A 405 -28.61 18.42 17.26
C ILE A 405 -30.10 18.42 16.95
N ASN A 406 -30.50 19.22 15.96
CA ASN A 406 -31.90 19.31 15.55
C ASN A 406 -32.12 18.39 14.35
N SER A 407 -32.54 17.15 14.62
CA SER A 407 -32.77 16.22 13.53
C SER A 407 -33.90 16.70 12.62
N TRP A 408 -34.86 17.43 13.18
CA TRP A 408 -35.97 17.91 12.35
C TRP A 408 -35.49 18.77 11.19
N LEU A 409 -34.51 19.64 11.47
CA LEU A 409 -33.96 20.51 10.45
C LEU A 409 -33.20 19.67 9.46
N GLY A 410 -32.58 18.61 9.95
CA GLY A 410 -31.84 17.73 9.07
C GLY A 410 -32.81 16.91 8.23
N ASN A 411 -33.96 16.56 8.80
CA ASN A 411 -34.94 15.79 8.07
C ASN A 411 -35.66 16.63 7.02
N ILE A 412 -35.82 17.92 7.27
CA ILE A 412 -36.48 18.78 6.30
C ILE A 412 -35.55 18.95 5.09
N ILE A 413 -34.26 19.09 5.37
CA ILE A 413 -33.31 19.28 4.29
C ILE A 413 -33.22 18.05 3.40
N MET A 414 -33.05 16.89 4.02
CA MET A 414 -32.93 15.67 3.26
C MET A 414 -34.23 15.13 2.64
N TYR A 415 -35.38 15.37 3.26
CA TYR A 415 -36.62 14.84 2.69
C TYR A 415 -37.64 15.91 2.28
N ALA A 416 -37.13 17.07 1.88
CA ALA A 416 -37.96 18.22 1.48
C ALA A 416 -39.14 17.93 0.54
N PRO A 417 -38.94 17.05 -0.45
CA PRO A 417 -40.01 16.71 -1.39
C PRO A 417 -41.09 15.78 -0.83
N THR A 418 -40.79 15.09 0.26
CA THR A 418 -41.75 14.14 0.83
C THR A 418 -43.03 14.81 1.28
N LEU A 419 -44.10 14.02 1.29
CA LEU A 419 -45.41 14.47 1.70
C LEU A 419 -45.44 14.81 3.19
N TRP A 420 -44.69 14.06 4.00
CA TRP A 420 -44.67 14.28 5.44
C TRP A 420 -43.77 15.43 5.92
N ALA A 421 -42.65 15.66 5.26
CA ALA A 421 -41.77 16.75 5.68
C ALA A 421 -42.38 18.10 5.34
N ARG A 422 -43.13 18.15 4.25
CA ARG A 422 -43.76 19.40 3.83
C ARG A 422 -45.00 19.72 4.68
N MET A 423 -45.97 18.80 4.65
CA MET A 423 -47.21 18.96 5.39
C MET A 423 -47.06 19.13 6.91
N ILE A 424 -46.17 18.34 7.51
CA ILE A 424 -45.96 18.34 8.95
C ILE A 424 -44.79 19.12 9.55
N LEU A 425 -43.55 18.72 9.23
CA LEU A 425 -42.37 19.37 9.80
C LEU A 425 -42.21 20.86 9.49
N MET A 426 -42.33 21.23 8.22
CA MET A 426 -42.18 22.64 7.85
C MET A 426 -43.23 23.49 8.59
N THR A 427 -44.48 23.08 8.47
CA THR A 427 -45.61 23.77 9.10
C THR A 427 -45.36 23.91 10.59
N HIS A 428 -45.15 22.77 11.26
CA HIS A 428 -44.94 22.78 12.69
C HIS A 428 -43.80 23.69 13.12
N PHE A 429 -42.64 23.55 12.47
CA PHE A 429 -41.49 24.34 12.86
C PHE A 429 -41.47 25.80 12.43
N PHE A 430 -42.06 26.13 11.29
CA PHE A 430 -42.07 27.53 10.90
C PHE A 430 -43.09 28.26 11.73
N SER A 431 -44.17 27.57 12.08
CA SER A 431 -45.18 28.17 12.93
C SER A 431 -44.51 28.49 14.27
N ILE A 432 -43.89 27.49 14.89
CA ILE A 432 -43.20 27.66 16.18
C ILE A 432 -42.05 28.68 16.18
N LEU A 433 -41.27 28.73 15.10
CA LEU A 433 -40.15 29.66 15.03
C LEU A 433 -40.58 31.13 14.90
N LEU A 434 -41.72 31.35 14.23
CA LEU A 434 -42.28 32.70 14.03
C LEU A 434 -42.71 33.23 15.37
N ALA A 435 -43.51 32.41 16.05
CA ALA A 435 -44.00 32.76 17.37
C ALA A 435 -42.80 33.22 18.21
N GLN A 436 -41.90 32.30 18.54
CA GLN A 436 -40.73 32.63 19.35
C GLN A 436 -39.84 33.69 18.74
N GLU A 437 -40.20 34.20 17.57
CA GLU A 437 -39.39 35.21 16.91
C GLU A 437 -37.93 34.73 16.85
N GLN A 438 -37.72 33.60 16.17
CA GLN A 438 -36.37 33.04 16.05
C GLN A 438 -36.09 32.45 14.69
N LEU A 439 -36.66 33.07 13.67
CA LEU A 439 -36.46 32.64 12.30
C LEU A 439 -35.06 32.96 11.81
N GLU A 440 -34.42 34.00 12.37
CA GLU A 440 -33.07 34.39 11.97
C GLU A 440 -32.01 33.47 12.60
N LYS A 441 -32.33 32.91 13.76
CA LYS A 441 -31.39 32.07 14.51
C LYS A 441 -30.91 30.80 13.81
N ALA A 442 -29.60 30.62 13.81
CA ALA A 442 -28.95 29.46 13.20
C ALA A 442 -29.00 28.24 14.12
N LEU A 443 -29.26 27.07 13.53
CA LEU A 443 -29.34 25.85 14.32
C LEU A 443 -28.36 24.77 13.84
N ASP A 444 -27.90 23.94 14.76
CA ASP A 444 -26.99 22.85 14.40
C ASP A 444 -27.82 21.66 13.96
N CYS A 445 -27.26 20.87 13.06
CA CYS A 445 -27.88 19.64 12.61
C CYS A 445 -26.78 18.81 11.95
N GLN A 446 -27.08 17.56 11.63
CA GLN A 446 -26.08 16.68 11.03
C GLN A 446 -26.52 16.18 9.66
N ILE A 447 -25.54 16.01 8.78
CA ILE A 447 -25.74 15.48 7.43
C ILE A 447 -24.62 14.48 7.21
N TYR A 448 -25.00 13.21 7.12
CA TYR A 448 -24.08 12.10 6.96
C TYR A 448 -23.07 12.14 8.09
N GLY A 449 -23.55 12.51 9.28
CA GLY A 449 -22.66 12.55 10.43
C GLY A 449 -21.89 13.83 10.70
N ALA A 450 -21.70 14.67 9.69
CA ALA A 450 -20.97 15.92 9.88
C ALA A 450 -21.90 16.99 10.42
N CYS A 451 -21.41 17.76 11.38
CA CYS A 451 -22.23 18.79 11.98
C CYS A 451 -22.19 20.10 11.18
N TYR A 452 -23.35 20.71 10.99
CA TYR A 452 -23.48 21.98 10.26
C TYR A 452 -24.35 22.98 11.01
N SER A 453 -24.14 24.27 10.73
CA SER A 453 -24.93 25.32 11.34
C SER A 453 -25.72 25.95 10.18
N ILE A 454 -27.04 25.91 10.26
CA ILE A 454 -27.89 26.43 9.19
C ILE A 454 -28.98 27.40 9.64
N GLU A 455 -29.25 28.39 8.81
CA GLU A 455 -30.29 29.38 9.10
C GLU A 455 -31.57 28.86 8.44
N PRO A 456 -32.65 28.69 9.22
CA PRO A 456 -33.92 28.20 8.67
C PRO A 456 -34.39 29.04 7.47
N LEU A 457 -34.09 30.33 7.51
CA LEU A 457 -34.51 31.25 6.46
C LEU A 457 -33.92 30.90 5.12
N ASP A 458 -32.87 30.09 5.13
CA ASP A 458 -32.24 29.70 3.88
C ASP A 458 -32.80 28.42 3.28
N LEU A 459 -33.69 27.75 4.00
CA LEU A 459 -34.27 26.51 3.49
C LEU A 459 -34.76 26.55 2.05
N PRO A 460 -35.38 27.67 1.62
CA PRO A 460 -35.86 27.74 0.24
C PRO A 460 -34.76 27.52 -0.80
N GLN A 461 -33.61 28.15 -0.60
CA GLN A 461 -32.49 28.02 -1.55
C GLN A 461 -31.91 26.62 -1.47
N ILE A 462 -31.63 26.20 -0.25
CA ILE A 462 -31.06 24.90 0.02
C ILE A 462 -31.88 23.83 -0.69
N ILE A 463 -33.19 23.89 -0.51
CA ILE A 463 -34.09 22.93 -1.13
C ILE A 463 -34.04 22.98 -2.66
N GLU A 464 -33.96 24.19 -3.24
CA GLU A 464 -33.91 24.31 -4.70
C GLU A 464 -32.63 23.74 -5.28
N ARG A 465 -31.50 24.03 -4.65
CA ARG A 465 -30.22 23.51 -5.11
C ARG A 465 -30.12 22.00 -5.02
N LEU A 466 -30.56 21.42 -3.91
CA LEU A 466 -30.47 19.96 -3.74
C LEU A 466 -31.59 19.16 -4.39
N HIS A 467 -32.81 19.69 -4.39
CA HIS A 467 -33.94 18.95 -4.93
C HIS A 467 -34.60 19.49 -6.19
N GLY A 468 -34.31 20.75 -6.52
CA GLY A 468 -34.90 21.37 -7.68
C GLY A 468 -36.22 22.02 -7.29
N LEU A 469 -36.66 23.03 -8.05
CA LEU A 469 -37.92 23.71 -7.75
C LEU A 469 -39.13 22.77 -7.64
N SER A 470 -39.05 21.58 -8.21
CA SER A 470 -40.18 20.65 -8.14
C SER A 470 -40.51 20.22 -6.70
N ALA A 471 -39.59 20.45 -5.78
CA ALA A 471 -39.81 20.06 -4.40
C ALA A 471 -40.89 20.91 -3.73
N PHE A 472 -41.30 21.98 -4.41
CA PHE A 472 -42.31 22.89 -3.89
C PHE A 472 -43.63 22.67 -4.61
N THR A 473 -43.65 21.75 -5.57
CA THR A 473 -44.88 21.51 -6.32
C THR A 473 -45.28 20.04 -6.43
N LEU A 474 -44.47 19.13 -5.89
CA LEU A 474 -44.84 17.71 -5.99
C LEU A 474 -46.20 17.44 -5.42
N HIS A 475 -46.99 16.66 -6.14
CA HIS A 475 -48.32 16.31 -5.67
C HIS A 475 -48.63 14.93 -6.25
N SER A 476 -49.77 14.38 -5.87
CA SER A 476 -50.16 13.07 -6.34
C SER A 476 -49.05 12.05 -6.05
N TYR A 477 -48.88 11.74 -4.78
CA TYR A 477 -47.88 10.78 -4.31
C TYR A 477 -48.43 9.36 -4.54
N SER A 478 -47.56 8.35 -4.42
CA SER A 478 -47.99 6.96 -4.65
C SER A 478 -48.94 6.42 -3.60
N PRO A 479 -49.84 5.51 -4.01
CA PRO A 479 -50.77 4.96 -3.02
C PRO A 479 -49.99 4.30 -1.87
N GLY A 480 -48.84 3.73 -2.19
CA GLY A 480 -48.02 3.09 -1.17
C GLY A 480 -47.45 4.09 -0.18
N GLU A 481 -47.04 5.26 -0.67
CA GLU A 481 -46.49 6.30 0.19
C GLU A 481 -47.60 6.93 1.02
N ILE A 482 -48.77 7.11 0.42
CA ILE A 482 -49.91 7.71 1.11
C ILE A 482 -50.37 6.85 2.27
N ASN A 483 -50.49 5.54 2.06
CA ASN A 483 -50.92 4.65 3.14
C ASN A 483 -49.88 4.68 4.26
N ARG A 484 -48.60 4.64 3.89
CA ARG A 484 -47.59 4.65 4.93
C ARG A 484 -47.64 5.90 5.77
N VAL A 485 -47.84 7.06 5.14
CA VAL A 485 -47.91 8.30 5.92
C VAL A 485 -49.19 8.34 6.78
N ALA A 486 -50.32 8.03 6.15
CA ALA A 486 -51.59 8.05 6.85
C ALA A 486 -51.65 7.07 8.02
N SER A 487 -51.12 5.87 7.84
CA SER A 487 -51.19 4.91 8.93
C SER A 487 -50.22 5.37 10.01
N CYS A 488 -49.24 6.19 9.62
CA CYS A 488 -48.29 6.72 10.59
C CYS A 488 -49.00 7.75 11.45
N LEU A 489 -49.76 8.63 10.80
CA LEU A 489 -50.47 9.67 11.53
C LEU A 489 -51.45 9.08 12.56
N ARG A 490 -52.22 8.07 12.17
CA ARG A 490 -53.16 7.43 13.08
C ARG A 490 -52.43 6.89 14.31
N LYS A 491 -51.36 6.15 14.07
CA LYS A 491 -50.55 5.55 15.14
C LYS A 491 -50.04 6.54 16.19
N LEU A 492 -49.38 7.61 15.75
CA LEU A 492 -48.82 8.62 16.64
C LEU A 492 -49.80 9.68 17.14
N GLY A 493 -51.00 9.70 16.57
CA GLY A 493 -51.96 10.70 16.99
C GLY A 493 -51.61 12.06 16.43
N VAL A 494 -51.23 12.11 15.16
CA VAL A 494 -50.87 13.38 14.51
C VAL A 494 -52.11 13.93 13.82
N PRO A 495 -52.34 15.25 13.89
CA PRO A 495 -53.51 15.87 13.25
C PRO A 495 -53.58 15.55 11.75
N PRO A 496 -54.80 15.46 11.19
CA PRO A 496 -54.96 15.16 9.77
C PRO A 496 -54.55 16.32 8.85
N LEU A 497 -54.58 16.06 7.54
CA LEU A 497 -54.21 17.03 6.53
C LEU A 497 -54.94 18.37 6.71
N ARG A 498 -56.26 18.31 6.86
CA ARG A 498 -57.03 19.52 7.02
C ARG A 498 -56.47 20.46 8.08
N THR A 499 -56.19 19.91 9.26
CA THR A 499 -55.64 20.73 10.33
C THR A 499 -54.33 21.35 9.92
N TRP A 500 -53.45 20.53 9.35
CA TRP A 500 -52.15 20.99 8.90
C TRP A 500 -52.26 22.05 7.82
N ARG A 501 -53.22 21.87 6.91
CA ARG A 501 -53.41 22.82 5.82
C ARG A 501 -53.79 24.18 6.39
N HIS A 502 -54.69 24.17 7.36
CA HIS A 502 -55.12 25.41 8.00
C HIS A 502 -53.95 26.10 8.66
N ARG A 503 -53.13 25.33 9.37
CA ARG A 503 -51.97 25.88 10.05
C ARG A 503 -50.98 26.46 9.08
N ALA A 504 -50.75 25.75 7.98
CA ALA A 504 -49.79 26.22 6.99
C ALA A 504 -50.25 27.53 6.36
N ARG A 505 -51.54 27.63 6.03
CA ARG A 505 -52.05 28.85 5.42
C ARG A 505 -51.94 30.04 6.35
N SER A 506 -52.07 29.78 7.64
CA SER A 506 -51.96 30.83 8.64
C SER A 506 -50.50 31.23 8.81
N VAL A 507 -49.59 30.27 8.72
CA VAL A 507 -48.17 30.54 8.87
C VAL A 507 -47.65 31.20 7.61
N ARG A 508 -48.16 30.75 6.47
CA ARG A 508 -47.76 31.29 5.18
C ARG A 508 -48.08 32.78 5.09
N ALA A 509 -49.28 33.15 5.54
CA ALA A 509 -49.71 34.54 5.49
C ALA A 509 -48.80 35.38 6.38
N LYS A 510 -48.49 34.85 7.56
CA LYS A 510 -47.63 35.56 8.50
C LYS A 510 -46.22 35.73 7.97
N LEU A 511 -45.76 34.74 7.22
CA LEU A 511 -44.42 34.79 6.64
C LEU A 511 -44.35 35.75 5.46
N LEU A 512 -45.44 35.85 4.71
CA LEU A 512 -45.51 36.74 3.55
C LEU A 512 -45.53 38.19 3.97
N SER A 513 -46.18 38.48 5.10
CA SER A 513 -46.30 39.85 5.61
C SER A 513 -44.97 40.42 6.12
N GLN A 514 -44.02 39.55 6.46
CA GLN A 514 -42.71 39.98 6.93
C GLN A 514 -41.75 40.33 5.79
N GLY A 515 -42.07 39.91 4.58
CA GLY A 515 -41.21 40.20 3.44
C GLY A 515 -39.86 39.50 3.54
N GLY A 516 -38.88 40.04 2.83
CA GLY A 516 -37.54 39.47 2.85
C GLY A 516 -37.49 37.96 2.68
N ARG A 517 -36.61 37.30 3.43
CA ARG A 517 -36.45 35.85 3.36
C ARG A 517 -37.66 35.08 3.89
N ALA A 518 -38.31 35.63 4.90
CA ALA A 518 -39.48 34.98 5.47
C ALA A 518 -40.58 34.84 4.42
N ALA A 519 -40.73 35.86 3.58
CA ALA A 519 -41.75 35.81 2.53
C ALA A 519 -41.34 34.78 1.48
N THR A 520 -40.04 34.56 1.37
CA THR A 520 -39.51 33.58 0.43
C THR A 520 -39.95 32.19 0.87
N CYS A 521 -39.88 31.95 2.17
CA CYS A 521 -40.27 30.66 2.71
C CYS A 521 -41.78 30.52 2.59
N GLY A 522 -42.46 31.65 2.74
CA GLY A 522 -43.89 31.64 2.62
C GLY A 522 -44.29 31.16 1.24
N ARG A 523 -43.83 31.88 0.22
CA ARG A 523 -44.18 31.53 -1.17
C ARG A 523 -43.83 30.12 -1.63
N TYR A 524 -42.59 29.69 -1.36
CA TYR A 524 -42.16 28.36 -1.81
C TYR A 524 -42.55 27.17 -0.95
N LEU A 525 -42.20 27.23 0.32
CA LEU A 525 -42.46 26.15 1.24
C LEU A 525 -43.92 25.82 1.42
N PHE A 526 -44.77 26.83 1.40
CA PHE A 526 -46.17 26.59 1.64
C PHE A 526 -47.11 26.79 0.45
N ASN A 527 -46.57 26.76 -0.75
CA ASN A 527 -47.42 26.94 -1.92
C ASN A 527 -48.44 25.79 -2.05
N TRP A 528 -48.12 24.64 -1.49
CA TRP A 528 -49.01 23.48 -1.58
C TRP A 528 -50.33 23.72 -0.86
N ALA A 529 -50.27 24.60 0.13
CA ALA A 529 -51.41 24.92 0.96
C ALA A 529 -52.49 25.84 0.38
N VAL A 530 -52.12 26.76 -0.50
CA VAL A 530 -53.14 27.67 -1.06
C VAL A 530 -53.68 27.14 -2.39
N ARG A 531 -54.79 27.70 -2.83
CA ARG A 531 -55.38 27.30 -4.10
C ARG A 531 -54.85 28.23 -5.20
N THR A 532 -54.78 29.52 -4.92
CA THR A 532 -54.26 30.48 -5.89
C THR A 532 -52.72 30.38 -5.83
N LYS A 533 -52.17 29.47 -6.62
CA LYS A 533 -50.72 29.24 -6.65
C LYS A 533 -49.94 30.44 -7.17
N LEU A 534 -48.74 30.62 -6.64
CA LEU A 534 -47.87 31.69 -7.07
C LEU A 534 -46.81 31.06 -7.96
N LYS A 535 -46.49 31.71 -9.07
CA LYS A 535 -45.47 31.19 -9.98
C LYS A 535 -44.19 31.07 -9.18
N LEU A 536 -43.55 29.91 -9.24
CA LEU A 536 -42.32 29.71 -8.50
C LEU A 536 -41.11 29.71 -9.44
N THR A 537 -40.43 30.84 -9.51
CA THR A 537 -39.25 30.99 -10.36
C THR A 537 -37.96 30.71 -9.57
N PRO A 538 -36.87 30.40 -10.28
CA PRO A 538 -35.60 30.11 -9.62
C PRO A 538 -35.13 31.18 -8.64
N ILE A 539 -34.78 30.73 -7.44
CA ILE A 539 -34.30 31.65 -6.40
C ILE A 539 -32.84 31.96 -6.69
N PRO A 540 -32.51 33.25 -6.86
CA PRO A 540 -31.15 33.68 -7.16
C PRO A 540 -30.12 33.00 -6.25
N ALA A 541 -30.32 33.13 -4.95
CA ALA A 541 -29.41 32.55 -3.97
C ALA A 541 -29.13 31.05 -4.15
N ALA A 542 -29.94 30.38 -4.96
CA ALA A 542 -29.73 28.94 -5.20
C ALA A 542 -28.60 28.70 -6.21
N SER A 543 -28.40 29.66 -7.10
CA SER A 543 -27.38 29.57 -8.12
C SER A 543 -26.00 29.94 -7.55
N GLN A 544 -25.99 30.58 -6.38
CA GLN A 544 -24.70 30.98 -5.78
C GLN A 544 -24.41 30.22 -4.50
N LEU A 545 -24.93 28.99 -4.42
CA LEU A 545 -24.76 28.14 -3.24
C LEU A 545 -23.66 27.09 -3.32
N ASP A 546 -22.70 27.12 -2.40
CA ASP A 546 -21.65 26.10 -2.41
C ASP A 546 -22.07 25.00 -1.44
N LEU A 547 -22.65 23.94 -1.99
CA LEU A 547 -23.12 22.81 -1.19
C LEU A 547 -22.43 21.53 -1.64
N SER A 548 -21.15 21.62 -1.99
CA SER A 548 -20.42 20.44 -2.44
C SER A 548 -19.88 19.59 -1.29
N GLY A 549 -19.29 20.25 -0.31
CA GLY A 549 -18.73 19.54 0.84
C GLY A 549 -19.78 18.86 1.70
N TRP A 550 -21.04 19.05 1.35
CA TRP A 550 -22.15 18.44 2.09
C TRP A 550 -22.26 16.95 1.80
N PHE A 551 -21.95 16.56 0.57
CA PHE A 551 -22.05 15.16 0.16
C PHE A 551 -20.75 14.62 -0.40
N VAL A 552 -19.75 14.47 0.46
CA VAL A 552 -18.47 13.94 0.06
C VAL A 552 -18.19 12.59 0.73
N ALA A 553 -18.44 12.51 2.03
CA ALA A 553 -18.17 11.28 2.76
C ALA A 553 -18.91 11.18 4.09
N GLY A 554 -18.98 9.96 4.63
CA GLY A 554 -19.64 9.72 5.90
C GLY A 554 -18.71 10.04 7.06
N TYR A 555 -19.27 10.54 8.16
CA TYR A 555 -18.48 10.93 9.32
C TYR A 555 -19.10 10.52 10.65
N SER A 556 -20.20 9.76 10.60
CA SER A 556 -20.85 9.34 11.82
C SER A 556 -19.82 8.80 12.80
N GLY A 557 -19.83 9.36 14.00
CA GLY A 557 -18.90 8.94 15.03
C GLY A 557 -17.52 9.56 14.87
N GLY A 558 -17.38 10.40 13.84
CA GLY A 558 -16.11 11.03 13.57
C GLY A 558 -15.83 12.33 14.31
N ASP A 559 -16.83 12.84 15.02
CA ASP A 559 -16.63 14.07 15.78
C ASP A 559 -16.20 15.13 14.78
N ILE A 560 -16.95 15.25 13.70
CA ILE A 560 -16.66 16.18 12.64
C ILE A 560 -17.63 17.36 12.61
N TYR A 561 -17.06 18.56 12.44
CA TYR A 561 -17.84 19.79 12.37
C TYR A 561 -17.38 20.61 11.19
N HIS A 562 -18.29 20.93 10.27
CA HIS A 562 -17.90 21.74 9.13
C HIS A 562 -18.29 23.20 9.37
N SER A 563 -17.31 23.97 9.84
CA SER A 563 -17.47 25.39 10.18
C SER A 563 -18.47 26.15 9.35
N SER B 1 20.28 17.58 0.12
CA SER B 1 21.25 17.40 1.24
C SER B 1 22.54 16.74 0.75
N MET B 2 23.56 16.74 1.61
CA MET B 2 24.85 16.13 1.28
C MET B 2 24.73 14.62 1.47
N SER B 3 25.19 13.86 0.49
CA SER B 3 25.16 12.41 0.59
C SER B 3 25.99 11.93 1.80
N TYR B 4 27.04 12.66 2.13
CA TYR B 4 27.91 12.32 3.26
C TYR B 4 28.48 13.55 3.93
N THR B 5 28.88 13.38 5.20
CA THR B 5 29.54 14.42 5.98
C THR B 5 30.63 13.63 6.69
N TRP B 6 31.86 14.15 6.70
CA TRP B 6 32.96 13.43 7.33
C TRP B 6 33.54 14.15 8.54
N THR B 7 33.78 13.40 9.61
CA THR B 7 34.33 13.98 10.82
C THR B 7 35.85 14.09 10.82
N GLY B 8 36.50 13.31 9.97
CA GLY B 8 37.96 13.30 9.92
C GLY B 8 38.52 11.92 10.22
N ALA B 9 37.83 11.16 11.06
CA ALA B 9 38.27 9.81 11.40
C ALA B 9 38.42 9.07 10.10
N LEU B 10 39.47 8.25 9.98
CA LEU B 10 39.71 7.51 8.75
C LEU B 10 38.92 6.20 8.64
N ILE B 11 38.83 5.68 7.41
CA ILE B 11 38.17 4.42 7.16
C ILE B 11 39.27 3.39 7.26
N THR B 12 39.43 2.90 8.48
CA THR B 12 40.45 1.94 8.83
C THR B 12 40.17 0.49 8.43
N PRO B 13 41.23 -0.31 8.30
CA PRO B 13 41.12 -1.73 7.93
C PRO B 13 40.99 -2.56 9.19
N CYS B 14 40.47 -3.78 9.08
CA CYS B 14 40.37 -4.64 10.25
C CYS B 14 41.57 -5.59 10.36
N ALA B 15 42.36 -5.69 9.29
CA ALA B 15 43.55 -6.54 9.27
C ALA B 15 44.56 -6.01 8.26
N ALA B 16 45.66 -6.75 8.05
CA ALA B 16 46.67 -6.33 7.08
C ALA B 16 46.02 -6.35 5.70
N GLU B 17 46.35 -5.36 4.88
CA GLU B 17 45.77 -5.28 3.53
C GLU B 17 46.76 -5.49 2.41
N GLU B 18 46.57 -6.58 1.65
CA GLU B 18 47.43 -6.85 0.51
C GLU B 18 46.87 -6.04 -0.66
N SER B 19 47.72 -5.70 -1.62
CA SER B 19 47.28 -4.95 -2.80
C SER B 19 47.92 -5.52 -4.07
N LYS B 20 48.84 -6.47 -3.89
CA LYS B 20 49.54 -7.09 -5.01
C LYS B 20 49.55 -8.63 -4.94
N LEU B 21 49.80 -9.27 -6.09
CA LEU B 21 49.88 -10.72 -6.14
C LEU B 21 51.13 -11.10 -5.32
N PRO B 22 51.18 -12.33 -4.80
CA PRO B 22 52.35 -12.74 -4.01
C PRO B 22 53.66 -12.66 -4.80
N ILE B 23 54.76 -12.43 -4.08
CA ILE B 23 56.07 -12.34 -4.71
C ILE B 23 56.33 -13.69 -5.37
N ASN B 24 56.27 -13.72 -6.70
CA ASN B 24 56.48 -14.95 -7.46
C ASN B 24 55.24 -15.81 -7.24
N PRO B 25 54.19 -15.52 -8.02
CA PRO B 25 52.88 -16.19 -8.02
C PRO B 25 52.88 -17.59 -8.59
N LEU B 26 51.97 -18.42 -8.09
CA LEU B 26 51.82 -19.79 -8.59
C LEU B 26 50.94 -19.53 -9.81
N SER B 27 50.48 -18.28 -9.89
CA SER B 27 49.60 -17.81 -10.95
C SER B 27 50.35 -17.39 -12.21
N ASN B 28 51.67 -17.57 -12.18
CA ASN B 28 52.47 -17.17 -13.34
C ASN B 28 52.06 -17.96 -14.58
N SER B 29 51.75 -19.24 -14.40
CA SER B 29 51.35 -20.08 -15.53
C SER B 29 50.03 -19.58 -16.12
N LEU B 30 49.32 -18.75 -15.36
CA LEU B 30 48.06 -18.19 -15.81
C LEU B 30 48.32 -16.83 -16.48
N LEU B 31 49.17 -16.00 -15.86
CA LEU B 31 49.53 -14.70 -16.44
C LEU B 31 50.89 -14.25 -15.92
N ARG B 32 51.70 -13.70 -16.82
CA ARG B 32 53.07 -13.25 -16.49
C ARG B 32 53.18 -11.79 -16.08
N HIS B 33 52.21 -10.97 -16.48
CA HIS B 33 52.27 -9.55 -16.14
C HIS B 33 51.61 -9.27 -14.81
N HIS B 34 52.22 -9.77 -13.73
CA HIS B 34 51.66 -9.59 -12.39
C HIS B 34 51.48 -8.15 -11.97
N ASN B 35 52.37 -7.27 -12.43
CA ASN B 35 52.28 -5.85 -12.07
C ASN B 35 50.99 -5.21 -12.59
N MET B 36 50.27 -5.93 -13.43
CA MET B 36 49.01 -5.42 -13.98
C MET B 36 47.83 -5.68 -13.03
N VAL B 37 48.01 -6.59 -12.07
CA VAL B 37 46.97 -6.96 -11.11
C VAL B 37 47.08 -6.31 -9.73
N TYR B 38 46.02 -5.61 -9.30
CA TYR B 38 46.03 -4.94 -8.00
C TYR B 38 44.72 -5.11 -7.25
N ALA B 39 44.79 -5.10 -5.93
CA ALA B 39 43.60 -5.21 -5.08
C ALA B 39 43.40 -3.84 -4.44
N THR B 40 42.15 -3.42 -4.30
CA THR B 40 41.90 -2.13 -3.68
C THR B 40 42.06 -2.30 -2.19
N THR B 41 42.46 -1.22 -1.53
CA THR B 41 42.68 -1.21 -0.10
C THR B 41 42.21 0.10 0.52
N SER B 42 42.11 0.11 1.84
CA SER B 42 41.66 1.27 2.57
C SER B 42 42.50 2.53 2.35
N ARG B 43 43.65 2.39 1.69
CA ARG B 43 44.48 3.56 1.45
C ARG B 43 43.85 4.43 0.38
N SER B 44 43.07 3.83 -0.50
CA SER B 44 42.40 4.59 -1.56
C SER B 44 41.00 5.03 -1.15
N ALA B 45 40.63 4.81 0.11
CA ALA B 45 39.32 5.21 0.60
C ALA B 45 39.09 6.71 0.37
N SER B 46 40.10 7.52 0.70
CA SER B 46 40.04 8.96 0.54
C SER B 46 39.52 9.40 -0.82
N LEU B 47 40.03 8.78 -1.88
CA LEU B 47 39.61 9.13 -3.22
C LEU B 47 38.15 8.82 -3.48
N ARG B 48 37.72 7.63 -3.09
CA ARG B 48 36.33 7.23 -3.27
C ARG B 48 35.42 8.20 -2.55
N GLN B 49 35.77 8.50 -1.31
CA GLN B 49 35.00 9.44 -0.50
C GLN B 49 34.78 10.75 -1.23
N LYS B 50 35.77 11.22 -1.98
CA LYS B 50 35.58 12.48 -2.68
C LYS B 50 34.60 12.29 -3.82
N LYS B 51 34.66 11.13 -4.46
CA LYS B 51 33.76 10.91 -5.57
C LYS B 51 32.29 10.73 -5.18
N VAL B 52 32.03 10.14 -4.01
CA VAL B 52 30.65 9.91 -3.58
C VAL B 52 30.04 11.02 -2.70
N THR B 53 30.76 12.11 -2.49
CA THR B 53 30.26 13.18 -1.62
C THR B 53 29.83 14.44 -2.35
N PHE B 54 28.52 14.69 -2.39
CA PHE B 54 27.98 15.87 -3.08
C PHE B 54 26.54 16.21 -2.69
N ASP B 55 26.09 17.41 -3.06
CA ASP B 55 24.73 17.82 -2.74
C ASP B 55 23.79 17.30 -3.81
N ARG B 56 22.66 16.72 -3.40
CA ARG B 56 21.69 16.21 -4.37
C ARG B 56 20.55 17.22 -4.49
N LEU B 57 20.26 17.63 -5.72
CA LEU B 57 19.14 18.51 -5.97
C LEU B 57 18.20 17.64 -6.78
N GLN B 58 17.02 17.37 -6.23
CA GLN B 58 16.06 16.51 -6.89
C GLN B 58 14.75 17.25 -7.13
N VAL B 59 14.27 17.16 -8.36
CA VAL B 59 13.02 17.78 -8.76
C VAL B 59 12.17 16.72 -9.45
N LEU B 60 10.98 16.50 -8.91
CA LEU B 60 10.07 15.49 -9.46
C LEU B 60 8.96 16.16 -10.26
N ASP B 61 8.47 15.49 -11.31
CA ASP B 61 7.41 16.05 -12.14
C ASP B 61 6.22 15.10 -12.24
N ASP B 62 5.25 15.42 -13.10
CA ASP B 62 4.06 14.58 -13.22
C ASP B 62 4.37 13.17 -13.72
N HIS B 63 5.36 13.05 -14.59
CA HIS B 63 5.74 11.75 -15.14
C HIS B 63 6.27 10.82 -14.05
N TYR B 64 7.06 11.38 -13.15
CA TYR B 64 7.60 10.60 -12.06
C TYR B 64 6.46 10.04 -11.23
N ARG B 65 5.53 10.93 -10.87
CA ARG B 65 4.37 10.58 -10.06
C ARG B 65 3.46 9.55 -10.72
N ASP B 66 3.30 9.64 -12.04
CA ASP B 66 2.45 8.69 -12.74
C ASP B 66 3.07 7.29 -12.75
N VAL B 67 4.39 7.23 -12.96
CA VAL B 67 5.08 5.95 -12.97
C VAL B 67 5.04 5.32 -11.59
N LEU B 68 5.26 6.15 -10.57
CA LEU B 68 5.23 5.67 -9.19
C LEU B 68 3.91 4.98 -8.92
N LYS B 69 2.80 5.66 -9.24
CA LYS B 69 1.47 5.13 -9.04
C LYS B 69 1.20 3.79 -9.70
N GLU B 70 1.64 3.66 -10.95
CA GLU B 70 1.48 2.41 -11.70
C GLU B 70 2.22 1.28 -10.99
N MET B 71 3.44 1.58 -10.57
CA MET B 71 4.25 0.61 -9.85
C MET B 71 3.53 0.19 -8.58
N LYS B 72 2.97 1.15 -7.87
CA LYS B 72 2.29 0.81 -6.62
C LYS B 72 1.05 -0.02 -6.87
N ALA B 73 0.44 0.15 -8.04
CA ALA B 73 -0.76 -0.61 -8.37
C ALA B 73 -0.40 -2.09 -8.48
N LYS B 74 0.75 -2.36 -9.07
CA LYS B 74 1.21 -3.72 -9.23
C LYS B 74 1.73 -4.26 -7.89
N ALA B 75 2.38 -3.40 -7.12
CA ALA B 75 2.91 -3.82 -5.82
C ALA B 75 1.77 -4.27 -4.90
N SER B 76 0.64 -3.58 -4.99
CA SER B 76 -0.51 -3.87 -4.17
C SER B 76 -1.14 -5.26 -4.34
N THR B 77 -0.61 -6.08 -5.25
CA THR B 77 -1.14 -7.44 -5.41
C THR B 77 -0.23 -8.42 -4.66
N VAL B 78 0.89 -7.92 -4.15
CA VAL B 78 1.82 -8.79 -3.44
C VAL B 78 1.47 -9.09 -1.99
N LYS B 79 1.63 -10.34 -1.60
CA LYS B 79 1.39 -10.72 -0.21
C LYS B 79 2.71 -11.29 0.26
N ALA B 80 3.36 -10.57 1.18
CA ALA B 80 4.66 -10.98 1.69
C ALA B 80 4.62 -11.60 3.08
N LYS B 81 5.46 -12.60 3.29
CA LYS B 81 5.48 -13.29 4.55
C LYS B 81 6.63 -12.89 5.48
N LEU B 82 6.32 -12.90 6.76
CA LEU B 82 7.25 -12.61 7.82
C LEU B 82 8.10 -13.87 7.99
N LEU B 83 9.42 -13.72 8.01
CA LEU B 83 10.26 -14.88 8.18
C LEU B 83 10.48 -15.15 9.66
N SER B 84 10.37 -16.41 10.05
CA SER B 84 10.58 -16.75 11.44
C SER B 84 12.05 -16.52 11.71
N ILE B 85 12.43 -16.51 12.99
CA ILE B 85 13.83 -16.31 13.35
C ILE B 85 14.74 -17.44 12.85
N GLU B 86 14.27 -18.68 12.92
CA GLU B 86 15.07 -19.83 12.45
C GLU B 86 15.39 -19.66 10.98
N GLU B 87 14.34 -19.37 10.21
CA GLU B 87 14.46 -19.17 8.78
C GLU B 87 15.44 -18.05 8.41
N ALA B 88 15.40 -16.96 9.17
CA ALA B 88 16.31 -15.84 8.89
C ALA B 88 17.74 -16.27 9.24
N CYS B 89 17.89 -17.02 10.31
CA CYS B 89 19.23 -17.45 10.70
C CYS B 89 19.89 -18.32 9.64
N LYS B 90 19.10 -19.21 9.04
CA LYS B 90 19.63 -20.10 8.01
C LYS B 90 20.02 -19.38 6.72
N LEU B 91 19.58 -18.14 6.58
CA LEU B 91 19.91 -17.35 5.38
C LEU B 91 21.21 -16.54 5.57
N THR B 92 21.82 -16.68 6.73
CA THR B 92 23.04 -15.96 7.02
C THR B 92 24.27 -16.77 6.59
N PRO B 93 25.14 -16.17 5.77
CA PRO B 93 26.36 -16.82 5.29
C PRO B 93 27.21 -17.24 6.48
N PRO B 94 27.80 -18.47 6.45
CA PRO B 94 28.63 -18.94 7.56
C PRO B 94 29.84 -18.04 7.83
N HIS B 95 30.22 -17.29 6.80
CA HIS B 95 31.36 -16.39 6.87
C HIS B 95 30.96 -14.92 7.03
N SER B 96 29.70 -14.68 7.38
CA SER B 96 29.23 -13.31 7.55
C SER B 96 29.92 -12.66 8.75
N ALA B 97 29.99 -11.33 8.75
CA ALA B 97 30.64 -10.57 9.81
C ALA B 97 30.03 -10.74 11.18
N LYS B 98 30.88 -11.02 12.17
CA LYS B 98 30.40 -11.23 13.52
C LYS B 98 29.78 -9.99 14.16
N SER B 99 28.86 -10.22 15.07
CA SER B 99 28.21 -9.12 15.77
C SER B 99 29.14 -8.62 16.87
N LYS B 100 29.04 -7.33 17.17
CA LYS B 100 29.87 -6.75 18.22
C LYS B 100 29.29 -7.14 19.57
N PHE B 101 28.09 -7.73 19.56
CA PHE B 101 27.43 -8.12 20.80
C PHE B 101 27.81 -9.46 21.41
N GLY B 102 28.90 -10.05 20.95
CA GLY B 102 29.36 -11.31 21.52
C GLY B 102 29.09 -12.61 20.80
N TYR B 103 28.81 -12.55 19.51
CA TYR B 103 28.56 -13.79 18.77
C TYR B 103 28.82 -13.57 17.28
N GLY B 104 28.89 -14.66 16.52
CA GLY B 104 29.16 -14.57 15.10
C GLY B 104 28.18 -15.34 14.25
N ALA B 105 28.41 -15.35 12.93
CA ALA B 105 27.54 -16.02 11.98
C ALA B 105 27.32 -17.49 12.31
N LYS B 106 28.36 -18.11 12.88
CA LYS B 106 28.33 -19.51 13.25
C LYS B 106 27.22 -19.76 14.28
N ASP B 107 27.23 -18.94 15.32
CA ASP B 107 26.26 -19.03 16.39
C ASP B 107 24.86 -18.71 15.89
N VAL B 108 24.77 -17.78 14.93
CA VAL B 108 23.51 -17.41 14.35
C VAL B 108 22.89 -18.61 13.66
N ARG B 109 23.61 -19.19 12.71
CA ARG B 109 23.15 -20.35 11.98
C ARG B 109 22.78 -21.52 12.88
N ASN B 110 23.48 -21.67 14.00
CA ASN B 110 23.21 -22.76 14.92
C ASN B 110 22.16 -22.43 15.98
N LEU B 111 21.47 -21.31 15.78
CA LEU B 111 20.42 -20.87 16.69
C LEU B 111 20.90 -20.71 18.13
N SER B 112 22.17 -20.37 18.29
CA SER B 112 22.74 -20.17 19.63
C SER B 112 21.91 -19.22 20.49
N SER B 113 21.78 -19.55 21.77
CA SER B 113 21.01 -18.73 22.69
C SER B 113 21.43 -17.26 22.76
N ARG B 114 22.73 -17.01 22.83
CA ARG B 114 23.22 -15.65 22.92
C ARG B 114 22.81 -14.84 21.69
N ALA B 115 22.82 -15.52 20.54
CA ALA B 115 22.47 -14.88 19.26
C ALA B 115 20.97 -14.69 19.08
N VAL B 116 20.22 -15.74 19.36
CA VAL B 116 18.77 -15.72 19.24
C VAL B 116 18.18 -14.66 20.16
N ASN B 117 18.76 -14.53 21.33
CA ASN B 117 18.29 -13.55 22.29
C ASN B 117 18.58 -12.12 21.81
N HIS B 118 19.76 -11.91 21.25
CA HIS B 118 20.08 -10.58 20.79
C HIS B 118 19.21 -10.26 19.57
N ILE B 119 18.93 -11.29 18.77
CA ILE B 119 18.11 -11.08 17.59
C ILE B 119 16.72 -10.61 18.03
N ARG B 120 16.13 -11.31 19.00
CA ARG B 120 14.81 -10.94 19.51
C ARG B 120 14.83 -9.52 20.06
N SER B 121 15.89 -9.18 20.78
CA SER B 121 15.99 -7.85 21.36
C SER B 121 16.08 -6.75 20.30
N VAL B 122 16.73 -7.04 19.18
CA VAL B 122 16.83 -6.05 18.12
C VAL B 122 15.47 -5.91 17.46
N TRP B 123 14.75 -7.03 17.37
CA TRP B 123 13.43 -6.99 16.76
C TRP B 123 12.49 -6.18 17.65
N GLU B 124 12.52 -6.45 18.95
CA GLU B 124 11.68 -5.72 19.88
C GLU B 124 11.99 -4.22 19.83
N ASP B 125 13.28 -3.88 19.78
CA ASP B 125 13.67 -2.47 19.75
C ASP B 125 13.12 -1.77 18.51
N LEU B 126 13.06 -2.47 17.39
CA LEU B 126 12.50 -1.88 16.18
C LEU B 126 11.06 -1.49 16.46
N LEU B 127 10.38 -2.26 17.31
CA LEU B 127 8.99 -1.99 17.66
C LEU B 127 8.85 -0.93 18.76
N GLU B 128 9.82 -0.86 19.66
CA GLU B 128 9.80 0.11 20.76
C GLU B 128 10.42 1.46 20.39
N ASP B 129 11.23 1.48 19.33
CA ASP B 129 11.91 2.70 18.90
C ASP B 129 11.71 2.93 17.40
N THR B 130 11.03 4.00 17.05
CA THR B 130 10.79 4.29 15.64
C THR B 130 11.70 5.38 15.13
N GLU B 131 12.62 5.85 15.96
CA GLU B 131 13.44 6.98 15.54
C GLU B 131 14.97 6.95 15.62
N THR B 132 15.54 6.54 16.74
CA THR B 132 16.97 6.51 16.91
C THR B 132 17.70 5.87 15.74
N PRO B 133 18.63 6.61 15.12
CA PRO B 133 19.41 6.10 13.98
C PRO B 133 20.18 4.85 14.40
N ILE B 134 20.24 3.88 13.49
CA ILE B 134 20.95 2.63 13.75
C ILE B 134 22.38 2.71 13.23
N ASP B 135 23.32 2.33 14.08
CA ASP B 135 24.74 2.38 13.75
C ASP B 135 25.13 1.50 12.57
N THR B 136 26.13 1.94 11.84
CA THR B 136 26.64 1.19 10.72
C THR B 136 28.16 1.21 10.80
N THR B 137 28.79 0.31 10.06
CA THR B 137 30.24 0.26 10.01
C THR B 137 30.59 0.57 8.55
N ILE B 138 31.61 1.38 8.34
CA ILE B 138 31.99 1.69 6.98
C ILE B 138 33.38 1.10 6.83
N MET B 139 33.64 0.48 5.68
CA MET B 139 34.92 -0.16 5.40
C MET B 139 35.27 -0.07 3.93
N ALA B 140 36.55 -0.26 3.62
CA ALA B 140 36.99 -0.26 2.24
C ALA B 140 36.78 -1.69 1.74
N LYS B 141 36.23 -1.80 0.55
CA LYS B 141 35.98 -3.10 -0.05
C LYS B 141 37.23 -3.50 -0.81
N SER B 142 37.64 -4.76 -0.69
CA SER B 142 38.83 -5.25 -1.39
C SER B 142 38.43 -6.01 -2.66
N GLU B 143 38.78 -5.46 -3.82
CA GLU B 143 38.44 -6.10 -5.10
C GLU B 143 39.62 -6.05 -6.07
N VAL B 144 39.77 -7.13 -6.84
CA VAL B 144 40.87 -7.23 -7.81
C VAL B 144 40.53 -6.65 -9.18
N PHE B 145 41.51 -5.93 -9.74
CA PHE B 145 41.33 -5.30 -11.04
C PHE B 145 42.62 -5.28 -11.86
N CYS B 146 42.47 -4.90 -13.12
CA CYS B 146 43.60 -4.80 -14.04
C CYS B 146 43.86 -3.32 -14.35
N VAL B 147 45.08 -2.87 -14.13
CA VAL B 147 45.44 -1.49 -14.42
C VAL B 147 44.99 -1.17 -15.84
N GLY B 153 43.93 4.95 -14.53
CA GLY B 153 45.02 4.27 -13.77
C GLY B 153 44.45 3.13 -12.92
N ARG B 154 44.18 3.42 -11.64
CA ARG B 154 43.60 2.44 -10.72
C ARG B 154 42.38 3.00 -10.02
N LYS B 155 41.29 2.23 -10.03
CA LYS B 155 40.07 2.69 -9.39
C LYS B 155 40.12 2.48 -7.89
N PRO B 156 39.68 3.49 -7.11
CA PRO B 156 39.69 3.39 -5.65
C PRO B 156 38.70 2.35 -5.11
N ALA B 157 38.93 1.95 -3.87
CA ALA B 157 38.08 0.96 -3.24
C ALA B 157 36.65 1.47 -3.09
N ARG B 158 35.69 0.56 -3.14
CA ARG B 158 34.30 0.92 -2.96
C ARG B 158 34.10 0.86 -1.45
N LEU B 159 33.10 1.59 -0.96
CA LEU B 159 32.81 1.62 0.46
C LEU B 159 31.57 0.77 0.73
N ILE B 160 31.62 0.00 1.81
CA ILE B 160 30.50 -0.83 2.19
C ILE B 160 29.99 -0.36 3.55
N VAL B 161 28.69 -0.14 3.64
CA VAL B 161 28.06 0.33 4.85
C VAL B 161 27.05 -0.72 5.30
N PHE B 162 27.23 -1.22 6.52
CA PHE B 162 26.36 -2.28 7.04
C PHE B 162 26.10 -2.24 8.55
N PRO B 163 24.88 -2.59 8.97
CA PRO B 163 24.49 -2.59 10.38
C PRO B 163 24.97 -3.87 11.03
N ASP B 164 24.80 -4.01 12.34
CA ASP B 164 25.23 -5.18 13.06
C ASP B 164 24.55 -6.46 12.56
N LEU B 165 25.19 -7.59 12.81
CA LEU B 165 24.70 -8.91 12.42
C LEU B 165 23.23 -9.12 12.83
N GLY B 166 22.94 -8.82 14.09
CA GLY B 166 21.59 -8.97 14.63
C GLY B 166 20.58 -8.14 13.86
N VAL B 167 20.98 -6.94 13.43
CA VAL B 167 20.09 -6.10 12.65
C VAL B 167 19.88 -6.80 11.31
N ARG B 168 20.97 -7.28 10.72
CA ARG B 168 20.89 -7.97 9.44
C ARG B 168 19.92 -9.15 9.47
N VAL B 169 19.82 -9.84 10.61
CA VAL B 169 18.89 -10.96 10.65
C VAL B 169 17.45 -10.44 10.74
N CYS B 170 17.25 -9.32 11.41
CA CYS B 170 15.90 -8.77 11.51
C CYS B 170 15.42 -8.29 10.15
N GLU B 171 16.33 -7.76 9.35
CA GLU B 171 15.97 -7.28 8.01
C GLU B 171 15.39 -8.49 7.29
N LYS B 172 16.14 -9.57 7.32
CA LYS B 172 15.71 -10.80 6.68
C LYS B 172 14.27 -11.15 7.09
N MET B 173 14.00 -11.19 8.38
CA MET B 173 12.64 -11.54 8.82
C MET B 173 11.55 -10.66 8.22
N ALA B 174 11.78 -9.35 8.22
CA ALA B 174 10.79 -8.41 7.72
C ALA B 174 10.76 -8.18 6.22
N LEU B 175 11.89 -8.33 5.55
CA LEU B 175 11.95 -8.01 4.13
C LEU B 175 12.45 -9.03 3.13
N TYR B 176 12.97 -10.15 3.59
CA TYR B 176 13.48 -11.15 2.65
C TYR B 176 12.47 -11.54 1.56
N ASP B 177 11.25 -11.83 1.97
CA ASP B 177 10.22 -12.22 1.02
C ASP B 177 9.84 -11.02 0.15
N VAL B 178 9.77 -9.85 0.74
CA VAL B 178 9.45 -8.65 -0.01
C VAL B 178 10.48 -8.37 -1.10
N VAL B 179 11.76 -8.33 -0.74
CA VAL B 179 12.80 -8.07 -1.74
C VAL B 179 12.97 -9.21 -2.73
N SER B 180 12.42 -10.37 -2.41
CA SER B 180 12.52 -11.52 -3.29
C SER B 180 11.37 -11.66 -4.28
N THR B 181 10.24 -11.04 -4.01
CA THR B 181 9.08 -11.18 -4.89
C THR B 181 8.44 -9.88 -5.40
N LEU B 182 8.65 -8.77 -4.70
CA LEU B 182 8.05 -7.50 -5.13
C LEU B 182 8.58 -6.91 -6.43
N PRO B 183 9.91 -6.94 -6.64
CA PRO B 183 10.48 -6.39 -7.88
C PRO B 183 9.90 -6.98 -9.14
N GLN B 184 9.68 -8.29 -9.12
CA GLN B 184 9.15 -8.94 -10.30
C GLN B 184 7.68 -8.63 -10.53
N ALA B 185 6.93 -8.39 -9.46
CA ALA B 185 5.52 -8.08 -9.58
C ALA B 185 5.36 -6.66 -10.09
N VAL B 186 6.20 -5.76 -9.61
CA VAL B 186 6.14 -4.37 -10.01
C VAL B 186 6.63 -4.14 -11.43
N MET B 187 7.82 -4.69 -11.72
CA MET B 187 8.44 -4.50 -13.03
C MET B 187 8.28 -5.60 -14.09
N GLY B 188 7.80 -6.77 -13.70
CA GLY B 188 7.63 -7.84 -14.66
C GLY B 188 8.89 -8.17 -15.46
N SER B 189 8.74 -8.30 -16.78
CA SER B 189 9.86 -8.65 -17.66
C SER B 189 11.10 -7.76 -17.55
N SER B 190 10.92 -6.52 -17.11
CA SER B 190 12.05 -5.60 -16.98
C SER B 190 12.99 -5.89 -15.80
N TYR B 191 12.62 -6.82 -14.92
CA TYR B 191 13.45 -7.16 -13.77
C TYR B 191 14.50 -8.19 -14.18
N GLY B 192 15.72 -7.69 -14.39
CA GLY B 192 16.80 -8.53 -14.85
C GLY B 192 17.29 -9.67 -13.99
N PHE B 193 17.06 -9.60 -12.69
CA PHE B 193 17.55 -10.65 -11.82
C PHE B 193 16.78 -11.97 -11.85
N GLN B 194 15.71 -12.02 -12.64
CA GLN B 194 14.90 -13.24 -12.74
C GLN B 194 15.45 -14.20 -13.78
N TYR B 195 16.30 -13.67 -14.67
CA TYR B 195 16.89 -14.42 -15.78
C TYR B 195 18.29 -14.98 -15.55
N SER B 196 18.57 -16.13 -16.16
CA SER B 196 19.89 -16.72 -16.07
C SER B 196 20.58 -16.17 -17.31
N PRO B 197 21.91 -16.30 -17.39
CA PRO B 197 22.59 -15.79 -18.58
C PRO B 197 21.82 -16.01 -19.89
N LYS B 198 21.52 -17.28 -20.17
CA LYS B 198 20.81 -17.64 -21.39
C LYS B 198 19.44 -17.00 -21.56
N GLN B 199 18.69 -16.85 -20.47
CA GLN B 199 17.37 -16.22 -20.54
C GLN B 199 17.49 -14.70 -20.66
N ARG B 200 18.58 -14.14 -20.15
CA ARG B 200 18.76 -12.71 -20.28
C ARG B 200 18.98 -12.46 -21.75
N VAL B 201 19.86 -13.25 -22.35
CA VAL B 201 20.17 -13.12 -23.75
C VAL B 201 18.91 -13.23 -24.60
N GLU B 202 18.08 -14.21 -24.25
CA GLU B 202 16.83 -14.45 -24.95
C GLU B 202 15.91 -13.23 -24.92
N PHE B 203 15.80 -12.60 -23.77
CA PHE B 203 14.95 -11.42 -23.64
C PHE B 203 15.50 -10.21 -24.40
N LEU B 204 16.81 -10.09 -24.47
CA LEU B 204 17.40 -8.95 -25.19
C LEU B 204 17.22 -9.08 -26.70
N VAL B 205 17.31 -10.31 -27.18
CA VAL B 205 17.16 -10.58 -28.61
C VAL B 205 15.71 -10.30 -28.99
N ASN B 206 14.81 -11.15 -28.50
CA ASN B 206 13.41 -10.98 -28.81
C ASN B 206 13.00 -9.50 -28.77
N THR B 207 13.46 -8.78 -27.75
CA THR B 207 13.12 -7.36 -27.64
C THR B 207 13.67 -6.56 -28.81
N TRP B 208 14.97 -6.74 -29.05
CA TRP B 208 15.68 -6.06 -30.12
C TRP B 208 15.09 -6.36 -31.50
N LYS B 209 14.49 -7.55 -31.66
CA LYS B 209 13.88 -7.94 -32.93
C LYS B 209 12.42 -7.46 -33.02
N SER B 210 11.79 -7.27 -31.87
CA SER B 210 10.40 -6.82 -31.79
C SER B 210 10.24 -5.37 -32.25
N LYS B 211 11.35 -4.64 -32.36
CA LYS B 211 11.30 -3.25 -32.81
C LYS B 211 11.42 -3.31 -34.33
N LYS B 212 10.99 -2.23 -35.01
CA LYS B 212 11.08 -2.14 -36.48
C LYS B 212 12.53 -1.81 -36.79
N CYS B 213 13.01 -0.69 -36.22
CA CYS B 213 14.38 -0.24 -36.35
C CYS B 213 14.78 0.01 -34.90
N PRO B 214 15.41 -1.00 -34.26
CA PRO B 214 15.86 -0.93 -32.87
C PRO B 214 17.10 -0.10 -32.60
N MET B 215 17.08 0.59 -31.46
CA MET B 215 18.17 1.45 -31.00
C MET B 215 18.23 1.30 -29.48
N GLY B 216 19.28 0.65 -28.99
CA GLY B 216 19.42 0.47 -27.56
C GLY B 216 20.54 1.32 -27.00
N PHE B 217 20.56 1.47 -25.69
CA PHE B 217 21.60 2.23 -25.02
C PHE B 217 21.69 1.87 -23.56
N SER B 218 22.90 1.86 -23.02
CA SER B 218 23.06 1.56 -21.63
C SER B 218 23.33 2.88 -20.92
N TYR B 219 22.66 3.08 -19.79
CA TYR B 219 22.82 4.30 -19.01
C TYR B 219 23.58 3.92 -17.73
N ASP B 220 24.68 4.63 -17.49
CA ASP B 220 25.47 4.38 -16.31
C ASP B 220 25.37 5.57 -15.38
N THR B 221 24.69 5.37 -14.26
CA THR B 221 24.54 6.45 -13.31
C THR B 221 25.81 6.55 -12.48
N ARG B 222 26.27 7.79 -12.30
CA ARG B 222 27.47 8.07 -11.54
C ARG B 222 27.22 7.82 -10.06
N CYS B 223 27.90 6.82 -9.51
CA CYS B 223 27.78 6.46 -8.09
C CYS B 223 26.32 6.50 -7.67
N PHE B 224 25.53 5.59 -8.23
CA PHE B 224 24.11 5.52 -7.95
C PHE B 224 23.77 5.56 -6.47
N ASP B 225 24.50 4.81 -5.66
CA ASP B 225 24.20 4.80 -4.25
C ASP B 225 24.18 6.20 -3.64
N SER B 226 25.15 7.04 -3.98
CA SER B 226 25.15 8.37 -3.41
C SER B 226 24.06 9.29 -3.98
N THR B 227 23.50 8.96 -5.15
CA THR B 227 22.43 9.80 -5.72
C THR B 227 21.04 9.53 -5.11
N VAL B 228 20.91 8.45 -4.35
CA VAL B 228 19.63 8.13 -3.71
C VAL B 228 19.33 9.08 -2.56
N THR B 229 18.19 9.76 -2.63
CA THR B 229 17.80 10.73 -1.61
C THR B 229 16.88 10.17 -0.53
N GLU B 230 16.68 10.96 0.51
CA GLU B 230 15.80 10.55 1.59
C GLU B 230 14.44 10.30 0.92
N SER B 231 14.01 11.26 0.10
CA SER B 231 12.75 11.14 -0.61
C SER B 231 12.64 9.80 -1.34
N ASP B 232 13.66 9.44 -2.11
CA ASP B 232 13.68 8.18 -2.85
C ASP B 232 13.45 6.97 -1.95
N ILE B 233 14.13 6.96 -0.81
CA ILE B 233 14.04 5.87 0.13
C ILE B 233 12.65 5.73 0.77
N ARG B 234 11.94 6.84 0.92
CA ARG B 234 10.59 6.80 1.48
C ARG B 234 9.59 6.43 0.39
N VAL B 235 9.92 6.76 -0.86
CA VAL B 235 9.06 6.42 -1.98
C VAL B 235 9.18 4.91 -2.15
N GLU B 236 10.39 4.41 -1.89
CA GLU B 236 10.68 2.99 -1.98
C GLU B 236 9.87 2.30 -0.90
N GLU B 237 9.85 2.90 0.29
CA GLU B 237 9.07 2.33 1.38
C GLU B 237 7.59 2.29 1.04
N SER B 238 7.07 3.39 0.51
CA SER B 238 5.66 3.46 0.17
C SER B 238 5.28 2.31 -0.74
N ILE B 239 6.23 1.86 -1.55
CA ILE B 239 5.97 0.75 -2.46
C ILE B 239 5.85 -0.55 -1.66
N TYR B 240 6.83 -0.83 -0.79
CA TYR B 240 6.80 -2.02 0.03
C TYR B 240 5.51 -2.06 0.86
N GLN B 241 5.09 -0.90 1.35
CA GLN B 241 3.88 -0.84 2.17
C GLN B 241 2.60 -1.24 1.43
N CYS B 242 2.67 -1.32 0.10
CA CYS B 242 1.49 -1.74 -0.67
C CYS B 242 1.31 -3.26 -0.57
N CYS B 243 2.28 -3.96 0.02
CA CYS B 243 2.18 -5.41 0.18
C CYS B 243 1.28 -5.75 1.37
N ASP B 244 0.70 -6.94 1.36
CA ASP B 244 -0.08 -7.37 2.52
C ASP B 244 1.02 -7.80 3.47
N LEU B 245 1.00 -7.30 4.69
CA LEU B 245 2.07 -7.59 5.64
C LEU B 245 1.60 -7.82 7.05
N ALA B 246 2.38 -8.59 7.79
CA ALA B 246 2.10 -8.84 9.20
C ALA B 246 2.32 -7.49 9.87
N PRO B 247 1.58 -7.21 10.94
CA PRO B 247 1.67 -5.96 11.71
C PRO B 247 3.11 -5.60 12.07
N GLU B 248 3.80 -6.52 12.74
CA GLU B 248 5.17 -6.26 13.16
C GLU B 248 6.09 -6.11 11.96
N ALA B 249 5.74 -6.74 10.86
CA ALA B 249 6.56 -6.58 9.67
C ALA B 249 6.39 -5.13 9.18
N ARG B 250 5.14 -4.65 9.17
CA ARG B 250 4.89 -3.31 8.70
C ARG B 250 5.69 -2.32 9.57
N GLN B 251 5.58 -2.46 10.89
CA GLN B 251 6.33 -1.60 11.81
C GLN B 251 7.84 -1.76 11.63
N ALA B 252 8.30 -3.02 11.53
CA ALA B 252 9.72 -3.29 11.36
C ALA B 252 10.22 -2.53 10.13
N ILE B 253 9.44 -2.54 9.07
CA ILE B 253 9.79 -1.86 7.83
C ILE B 253 9.78 -0.33 8.00
N ARG B 254 8.81 0.18 8.75
CA ARG B 254 8.68 1.60 9.00
C ARG B 254 9.89 2.12 9.77
N SER B 255 10.24 1.42 10.84
CA SER B 255 11.36 1.77 11.68
C SER B 255 12.69 1.61 10.95
N LEU B 256 12.86 0.49 10.24
CA LEU B 256 14.10 0.28 9.52
C LEU B 256 14.33 1.38 8.49
N THR B 257 13.26 1.85 7.86
CA THR B 257 13.34 2.90 6.86
C THR B 257 13.87 4.19 7.45
N GLU B 258 13.31 4.57 8.60
CA GLU B 258 13.69 5.80 9.28
C GLU B 258 14.98 5.74 10.09
N ARG B 259 15.28 4.57 10.65
CA ARG B 259 16.47 4.45 11.47
C ARG B 259 17.71 3.90 10.76
N LEU B 260 17.51 3.27 9.62
CA LEU B 260 18.64 2.67 8.91
C LEU B 260 18.79 3.02 7.45
N TYR B 261 17.74 2.79 6.67
CA TYR B 261 17.81 3.03 5.24
C TYR B 261 17.95 4.49 4.78
N ILE B 262 17.28 5.44 5.42
CA ILE B 262 17.42 6.82 4.96
C ILE B 262 18.78 7.41 5.30
N GLY B 263 19.47 6.83 6.28
CA GLY B 263 20.76 7.33 6.66
C GLY B 263 21.10 6.99 8.11
N GLY B 264 22.26 7.47 8.56
CA GLY B 264 22.70 7.22 9.92
C GLY B 264 24.20 7.39 10.08
N PRO B 265 24.70 7.31 11.32
CA PRO B 265 26.12 7.45 11.68
C PRO B 265 27.04 6.35 11.15
N LEU B 266 28.21 6.77 10.73
CA LEU B 266 29.22 5.88 10.19
C LEU B 266 30.35 5.64 11.17
N THR B 267 30.56 4.38 11.52
CA THR B 267 31.64 4.00 12.45
C THR B 267 32.67 3.11 11.76
N ASN B 268 33.95 3.40 12.03
CA ASN B 268 35.03 2.62 11.45
C ASN B 268 35.35 1.37 12.28
N SER B 269 36.25 0.54 11.76
CA SER B 269 36.62 -0.68 12.45
C SER B 269 37.15 -0.47 13.86
N LYS B 270 37.65 0.72 14.15
CA LYS B 270 38.18 1.03 15.48
C LYS B 270 37.13 1.56 16.45
N GLY B 271 35.90 1.79 15.98
CA GLY B 271 34.86 2.30 16.84
C GLY B 271 34.78 3.83 16.88
N GLN B 272 35.37 4.48 15.88
CA GLN B 272 35.37 5.95 15.80
C GLN B 272 34.29 6.46 14.85
N ASN B 273 33.73 7.62 15.14
CA ASN B 273 32.69 8.19 14.29
C ASN B 273 33.32 8.82 13.08
N CYS B 274 33.03 8.27 11.92
CA CYS B 274 33.57 8.79 10.67
C CYS B 274 32.68 9.88 10.10
N GLY B 275 31.44 9.95 10.56
CA GLY B 275 30.53 10.94 10.05
C GLY B 275 29.10 10.45 9.90
N TYR B 276 28.42 10.93 8.86
CA TYR B 276 27.03 10.59 8.63
C TYR B 276 26.66 10.32 7.17
N ARG B 277 25.74 9.37 6.96
CA ARG B 277 25.25 8.99 5.64
C ARG B 277 23.82 9.47 5.42
N ARG B 278 23.51 9.92 4.21
CA ARG B 278 22.17 10.39 3.88
C ARG B 278 21.73 9.85 2.51
N CYS B 279 22.40 8.82 2.06
CA CYS B 279 22.11 8.18 0.79
C CYS B 279 22.01 6.67 1.05
N ARG B 280 21.93 5.88 -0.02
CA ARG B 280 21.84 4.42 0.06
C ARG B 280 23.07 3.76 0.68
N ALA B 281 22.83 2.87 1.64
CA ALA B 281 23.91 2.12 2.26
C ALA B 281 24.04 0.92 1.33
N SER B 282 25.27 0.51 1.06
CA SER B 282 25.50 -0.60 0.15
C SER B 282 25.31 -1.98 0.78
N GLY B 283 25.46 -2.06 2.10
CA GLY B 283 25.33 -3.34 2.77
C GLY B 283 24.10 -3.58 3.61
N VAL B 284 22.92 -3.52 2.98
CA VAL B 284 21.64 -3.78 3.63
C VAL B 284 20.81 -4.64 2.68
N LEU B 285 19.88 -5.40 3.23
CA LEU B 285 19.04 -6.29 2.42
C LEU B 285 18.25 -5.61 1.30
N THR B 286 17.89 -4.35 1.49
CA THR B 286 17.12 -3.65 0.46
C THR B 286 17.92 -2.97 -0.64
N THR B 287 19.25 -3.00 -0.57
CA THR B 287 20.07 -2.33 -1.59
C THR B 287 19.87 -2.80 -3.03
N SER B 288 19.70 -4.09 -3.26
CA SER B 288 19.48 -4.56 -4.62
C SER B 288 18.07 -4.12 -5.04
N CYS B 289 17.07 -4.63 -4.34
CA CYS B 289 15.68 -4.31 -4.63
C CYS B 289 15.44 -2.80 -4.64
N GLY B 290 16.02 -2.11 -3.67
CA GLY B 290 15.85 -0.66 -3.58
C GLY B 290 16.34 0.09 -4.79
N ASN B 291 17.56 -0.20 -5.23
CA ASN B 291 18.15 0.45 -6.39
C ASN B 291 17.43 0.11 -7.67
N THR B 292 16.97 -1.13 -7.78
CA THR B 292 16.25 -1.60 -8.96
C THR B 292 14.99 -0.77 -9.20
N LEU B 293 14.12 -0.71 -8.20
CA LEU B 293 12.87 0.04 -8.29
C LEU B 293 13.13 1.53 -8.52
N THR B 294 14.07 2.09 -7.77
CA THR B 294 14.40 3.51 -7.90
C THR B 294 14.93 3.80 -9.30
N CYS B 295 15.77 2.91 -9.78
CA CYS B 295 16.35 3.05 -11.11
C CYS B 295 15.25 2.88 -12.15
N TYR B 296 14.39 1.88 -11.96
CA TYR B 296 13.29 1.64 -12.88
C TYR B 296 12.34 2.84 -12.89
N LEU B 297 11.95 3.27 -11.70
CA LEU B 297 11.04 4.40 -11.55
C LEU B 297 11.53 5.65 -12.27
N LYS B 298 12.73 6.10 -11.95
CA LYS B 298 13.28 7.29 -12.59
C LYS B 298 13.48 7.12 -14.10
N ALA B 299 14.03 5.99 -14.52
CA ALA B 299 14.26 5.74 -15.94
C ALA B 299 12.97 5.63 -16.76
N THR B 300 11.95 4.97 -16.21
CA THR B 300 10.69 4.83 -16.92
C THR B 300 10.01 6.18 -17.15
N ALA B 301 10.17 7.08 -16.19
CA ALA B 301 9.58 8.41 -16.28
C ALA B 301 10.43 9.27 -17.20
N ALA B 302 11.74 9.10 -17.12
CA ALA B 302 12.65 9.86 -17.97
C ALA B 302 12.34 9.56 -19.44
N CYS B 303 12.06 8.29 -19.75
CA CYS B 303 11.74 7.87 -21.12
C CYS B 303 10.55 8.64 -21.69
N ARG B 304 9.54 8.90 -20.86
CA ARG B 304 8.36 9.65 -21.30
C ARG B 304 8.69 11.13 -21.49
N ALA B 305 9.61 11.65 -20.69
CA ALA B 305 9.98 13.06 -20.81
C ALA B 305 10.87 13.27 -22.04
N ALA B 306 11.50 12.21 -22.49
CA ALA B 306 12.37 12.28 -23.66
C ALA B 306 11.59 11.92 -24.90
N LYS B 307 10.37 11.41 -24.70
CA LYS B 307 9.51 11.01 -25.81
C LYS B 307 10.11 9.85 -26.61
N LEU B 308 10.96 9.05 -25.97
CA LEU B 308 11.54 7.89 -26.63
C LEU B 308 10.35 6.99 -26.96
N GLN B 309 10.41 6.25 -28.05
CA GLN B 309 9.29 5.41 -28.46
C GLN B 309 9.41 3.91 -28.20
N ASP B 310 8.33 3.34 -27.66
CA ASP B 310 8.29 1.92 -27.34
C ASP B 310 9.53 1.52 -26.59
N CYS B 311 9.63 1.94 -25.33
CA CYS B 311 10.77 1.62 -24.49
C CYS B 311 10.61 0.33 -23.70
N THR B 312 11.67 -0.45 -23.66
CA THR B 312 11.68 -1.70 -22.91
C THR B 312 12.96 -1.72 -22.08
N MET B 313 12.82 -1.60 -20.77
CA MET B 313 13.98 -1.58 -19.87
C MET B 313 14.34 -2.98 -19.36
N LEU B 314 15.56 -3.08 -18.85
CA LEU B 314 16.03 -4.31 -18.24
C LEU B 314 16.93 -3.76 -17.15
N VAL B 315 16.45 -3.82 -15.92
CA VAL B 315 17.19 -3.28 -14.80
C VAL B 315 17.70 -4.33 -13.83
N ASN B 316 18.91 -4.10 -13.35
CA ASN B 316 19.57 -4.96 -12.38
C ASN B 316 20.21 -3.96 -11.45
N GLY B 317 19.60 -3.73 -10.28
CA GLY B 317 20.16 -2.76 -9.38
C GLY B 317 20.28 -1.41 -10.08
N ASP B 318 21.49 -0.86 -10.11
CA ASP B 318 21.74 0.44 -10.73
C ASP B 318 22.06 0.32 -12.22
N ASP B 319 22.06 -0.91 -12.73
CA ASP B 319 22.37 -1.11 -14.13
C ASP B 319 21.11 -1.01 -14.99
N LEU B 320 21.18 -0.14 -15.99
CA LEU B 320 20.04 0.08 -16.88
C LEU B 320 20.40 -0.01 -18.36
N VAL B 321 19.54 -0.68 -19.10
CA VAL B 321 19.72 -0.81 -20.53
C VAL B 321 18.32 -0.52 -21.07
N VAL B 322 18.22 0.11 -22.23
CA VAL B 322 16.93 0.44 -22.82
C VAL B 322 16.96 0.11 -24.31
N ILE B 323 15.88 -0.49 -24.81
CA ILE B 323 15.79 -0.83 -26.22
C ILE B 323 14.51 -0.24 -26.75
N CYS B 324 14.63 0.77 -27.61
CA CYS B 324 13.42 1.38 -28.14
C CYS B 324 13.36 1.35 -29.66
N GLU B 325 12.37 2.07 -30.18
CA GLU B 325 12.12 2.19 -31.60
C GLU B 325 12.82 3.45 -32.09
N SER B 326 13.79 3.30 -33.00
CA SER B 326 14.52 4.45 -33.51
C SER B 326 13.66 5.43 -34.31
N ALA B 327 14.16 6.65 -34.45
CA ALA B 327 13.46 7.71 -35.17
C ALA B 327 14.50 8.67 -35.74
N GLY B 328 15.64 8.13 -36.18
CA GLY B 328 16.68 8.96 -36.74
C GLY B 328 17.96 9.01 -35.95
N THR B 329 19.09 8.89 -36.65
CA THR B 329 20.40 8.93 -36.02
C THR B 329 20.59 10.26 -35.32
N GLN B 330 19.84 11.28 -35.73
CA GLN B 330 19.96 12.59 -35.10
C GLN B 330 18.92 12.70 -33.99
N GLU B 331 17.67 12.42 -34.33
CA GLU B 331 16.58 12.50 -33.37
C GLU B 331 16.83 11.59 -32.16
N ASP B 332 17.53 10.49 -32.36
CA ASP B 332 17.81 9.58 -31.26
C ASP B 332 18.88 10.21 -30.37
N ALA B 333 19.81 10.93 -30.99
CA ALA B 333 20.85 11.60 -30.23
C ALA B 333 20.20 12.67 -29.37
N ALA B 334 19.30 13.46 -29.95
CA ALA B 334 18.62 14.53 -29.21
C ALA B 334 17.73 14.04 -28.07
N ALA B 335 17.03 12.93 -28.30
CA ALA B 335 16.15 12.38 -27.29
C ALA B 335 16.96 11.79 -26.15
N LEU B 336 18.00 11.04 -26.49
CA LEU B 336 18.84 10.42 -25.46
C LEU B 336 19.36 11.49 -24.50
N ARG B 337 19.65 12.68 -25.02
CA ARG B 337 20.12 13.77 -24.19
C ARG B 337 18.98 14.26 -23.32
N ALA B 338 17.78 14.28 -23.89
CA ALA B 338 16.60 14.72 -23.13
C ALA B 338 16.43 13.74 -21.95
N PHE B 339 16.66 12.46 -22.21
CA PHE B 339 16.55 11.43 -21.17
C PHE B 339 17.58 11.73 -20.07
N THR B 340 18.83 11.91 -20.47
CA THR B 340 19.87 12.20 -19.50
C THR B 340 19.48 13.39 -18.66
N GLU B 341 18.98 14.44 -19.30
CA GLU B 341 18.58 15.66 -18.58
C GLU B 341 17.43 15.41 -17.61
N ALA B 342 16.52 14.51 -17.96
CA ALA B 342 15.39 14.18 -17.08
C ALA B 342 15.92 13.35 -15.92
N MET B 343 16.82 12.42 -16.22
CA MET B 343 17.41 11.58 -15.19
C MET B 343 18.22 12.46 -14.24
N THR B 344 18.82 13.52 -14.77
CA THR B 344 19.59 14.42 -13.95
C THR B 344 18.68 15.17 -12.97
N ARG B 345 17.50 15.56 -13.42
CA ARG B 345 16.56 16.25 -12.55
C ARG B 345 16.10 15.33 -11.41
N TYR B 346 15.93 14.04 -11.71
CA TYR B 346 15.49 13.03 -10.73
C TYR B 346 16.64 12.60 -9.81
N SER B 347 17.75 13.32 -9.88
CA SER B 347 18.92 13.04 -9.05
C SER B 347 19.70 11.81 -9.48
N ALA B 348 19.98 11.69 -10.77
CA ALA B 348 20.73 10.56 -11.29
C ALA B 348 21.53 10.95 -12.52
N PRO B 349 22.50 11.87 -12.35
CA PRO B 349 23.36 12.35 -13.45
C PRO B 349 24.18 11.19 -13.99
N PRO B 350 24.56 11.26 -15.28
CA PRO B 350 25.35 10.17 -15.85
C PRO B 350 26.83 10.24 -15.49
N GLY B 351 27.50 9.10 -15.56
CA GLY B 351 28.92 9.04 -15.30
C GLY B 351 29.49 9.22 -16.68
N ASP B 352 29.45 8.15 -17.47
CA ASP B 352 29.92 8.23 -18.83
C ASP B 352 28.65 8.58 -19.61
N PRO B 353 28.67 9.71 -20.34
CA PRO B 353 27.45 10.05 -21.09
C PRO B 353 26.98 8.86 -21.92
N PRO B 354 25.66 8.71 -22.05
CA PRO B 354 25.05 7.61 -22.81
C PRO B 354 25.10 7.84 -24.32
N GLN B 355 25.32 6.78 -25.07
CA GLN B 355 25.38 6.92 -26.53
C GLN B 355 24.51 5.87 -27.22
N PRO B 356 23.69 6.31 -28.19
CA PRO B 356 22.83 5.37 -28.90
C PRO B 356 23.65 4.31 -29.62
N GLU B 357 23.05 3.12 -29.77
CA GLU B 357 23.68 1.99 -30.42
C GLU B 357 22.68 1.33 -31.37
N TYR B 358 23.22 0.65 -32.38
CA TYR B 358 22.38 0.01 -33.37
C TYR B 358 22.81 -1.43 -33.55
N ASP B 359 23.87 -1.81 -32.84
CA ASP B 359 24.38 -3.17 -32.89
C ASP B 359 24.19 -3.73 -31.49
N LEU B 360 23.37 -4.77 -31.38
CA LEU B 360 23.10 -5.36 -30.07
C LEU B 360 24.37 -5.82 -29.37
N GLU B 361 25.30 -6.39 -30.12
CA GLU B 361 26.53 -6.91 -29.52
C GLU B 361 27.44 -5.84 -28.93
N LEU B 362 27.16 -4.58 -29.24
CA LEU B 362 27.96 -3.46 -28.74
C LEU B 362 27.38 -2.86 -27.46
N ILE B 363 26.10 -3.13 -27.19
CA ILE B 363 25.46 -2.61 -25.99
C ILE B 363 25.92 -3.46 -24.81
N THR B 364 26.52 -2.83 -23.82
CA THR B 364 26.96 -3.56 -22.65
C THR B 364 26.04 -3.23 -21.48
N SER B 365 25.61 -4.28 -20.78
CA SER B 365 24.74 -4.15 -19.61
C SER B 365 25.22 -5.18 -18.62
N CYS B 366 25.31 -4.81 -17.35
CA CYS B 366 25.77 -5.75 -16.33
C CYS B 366 27.15 -6.25 -16.67
N SER B 367 27.99 -5.34 -17.14
CA SER B 367 29.35 -5.69 -17.51
C SER B 367 29.35 -6.74 -18.62
N SER B 368 28.18 -7.03 -19.18
CA SER B 368 28.06 -8.06 -20.21
C SER B 368 27.45 -7.61 -21.53
N ASN B 369 27.62 -8.45 -22.54
CA ASN B 369 27.08 -8.19 -23.87
C ASN B 369 26.71 -9.52 -24.53
N VAL B 370 25.82 -9.46 -25.51
CA VAL B 370 25.42 -10.65 -26.25
C VAL B 370 26.38 -10.82 -27.40
N SER B 371 26.59 -12.06 -27.82
CA SER B 371 27.46 -12.34 -28.95
C SER B 371 26.97 -13.64 -29.58
N VAL B 372 27.63 -14.07 -30.65
CA VAL B 372 27.18 -15.27 -31.34
C VAL B 372 28.28 -16.31 -31.64
N ALA B 373 27.87 -17.56 -31.72
CA ALA B 373 28.76 -18.65 -32.05
C ALA B 373 27.97 -19.77 -32.73
N HIS B 374 28.62 -20.91 -32.99
CA HIS B 374 27.92 -21.99 -33.65
C HIS B 374 28.16 -23.32 -32.94
N ASP B 375 27.20 -24.22 -33.04
CA ASP B 375 27.30 -25.54 -32.39
C ASP B 375 27.63 -26.63 -33.39
N ALA B 376 27.43 -27.88 -32.97
CA ALA B 376 27.68 -29.05 -33.82
C ALA B 376 27.18 -28.81 -35.25
N SER B 377 25.86 -28.82 -35.42
CA SER B 377 25.23 -28.59 -36.72
C SER B 377 25.63 -27.22 -37.24
N GLY B 378 26.65 -26.62 -36.62
CA GLY B 378 27.11 -25.31 -37.04
C GLY B 378 25.98 -24.29 -37.05
N LYS B 379 24.97 -24.49 -36.22
CA LYS B 379 23.86 -23.56 -36.17
C LYS B 379 24.20 -22.34 -35.31
N ARG B 380 23.46 -21.25 -35.49
CA ARG B 380 23.67 -20.04 -34.71
C ARG B 380 23.25 -20.28 -33.25
N VAL B 381 23.97 -19.64 -32.32
CA VAL B 381 23.69 -19.75 -30.89
C VAL B 381 24.08 -18.44 -30.19
N TYR B 382 23.08 -17.70 -29.70
CA TYR B 382 23.33 -16.44 -29.00
C TYR B 382 23.74 -16.72 -27.56
N TYR B 383 24.62 -15.89 -27.02
CA TYR B 383 25.07 -16.10 -25.64
C TYR B 383 25.61 -14.81 -24.98
N LEU B 384 25.79 -14.89 -23.66
CA LEU B 384 26.28 -13.75 -22.88
C LEU B 384 27.77 -13.88 -22.60
N THR B 385 28.50 -12.80 -22.83
CA THR B 385 29.94 -12.78 -22.59
C THR B 385 30.30 -11.40 -22.05
N ARG B 386 31.60 -11.13 -21.91
CA ARG B 386 32.06 -9.85 -21.39
C ARG B 386 33.56 -9.83 -21.53
N ASP B 387 34.17 -8.65 -21.43
CA ASP B 387 35.62 -8.57 -21.52
C ASP B 387 36.12 -9.45 -20.38
N PRO B 388 37.04 -10.39 -20.68
CA PRO B 388 37.55 -11.26 -19.61
C PRO B 388 38.67 -10.73 -18.72
N THR B 389 39.03 -9.45 -18.90
CA THR B 389 40.11 -8.86 -18.12
C THR B 389 39.97 -9.05 -16.60
N THR B 390 38.91 -8.47 -16.02
CA THR B 390 38.71 -8.58 -14.57
C THR B 390 38.55 -10.03 -14.12
N PRO B 391 37.73 -10.82 -14.83
CA PRO B 391 37.60 -12.21 -14.39
C PRO B 391 38.98 -12.91 -14.33
N LEU B 392 39.77 -12.79 -15.40
CA LEU B 392 41.09 -13.43 -15.42
C LEU B 392 42.01 -12.85 -14.34
N ALA B 393 41.90 -11.54 -14.11
CA ALA B 393 42.73 -10.89 -13.09
C ALA B 393 42.43 -11.51 -11.73
N ARG B 394 41.15 -11.61 -11.39
CA ARG B 394 40.72 -12.18 -10.11
C ARG B 394 40.98 -13.68 -10.04
N ALA B 395 41.05 -14.34 -11.19
CA ALA B 395 41.32 -15.77 -11.21
C ALA B 395 42.77 -15.95 -10.77
N ALA B 396 43.61 -14.97 -11.08
CA ALA B 396 45.03 -15.01 -10.74
C ALA B 396 45.17 -14.93 -9.22
N TRP B 397 44.55 -13.89 -8.66
CA TRP B 397 44.57 -13.63 -7.23
C TRP B 397 44.11 -14.83 -6.41
N GLU B 398 43.09 -15.55 -6.89
CA GLU B 398 42.56 -16.69 -6.15
C GLU B 398 43.50 -17.88 -6.15
N THR B 399 44.31 -17.99 -7.19
CA THR B 399 45.28 -19.06 -7.32
C THR B 399 46.45 -18.76 -6.38
N ALA B 400 46.87 -17.50 -6.37
CA ALA B 400 48.00 -17.04 -5.56
C ALA B 400 47.72 -16.90 -4.06
N ARG B 401 46.52 -16.46 -3.70
CA ARG B 401 46.19 -16.31 -2.29
C ARG B 401 44.93 -17.08 -2.00
N HIS B 402 44.57 -17.18 -0.72
CA HIS B 402 43.35 -17.89 -0.37
C HIS B 402 42.20 -16.92 -0.16
N THR B 403 41.15 -17.04 -0.98
CA THR B 403 40.01 -16.15 -0.85
C THR B 403 38.76 -16.94 -0.48
N PRO B 404 37.87 -16.32 0.30
CA PRO B 404 36.60 -16.83 0.81
C PRO B 404 35.68 -17.23 -0.33
N ILE B 405 35.41 -16.26 -1.21
CA ILE B 405 34.56 -16.48 -2.36
C ILE B 405 35.43 -16.69 -3.59
N ASN B 406 35.16 -17.78 -4.31
CA ASN B 406 35.91 -18.16 -5.51
C ASN B 406 35.23 -17.65 -6.77
N SER B 407 35.43 -16.37 -7.09
CA SER B 407 34.81 -15.78 -8.26
C SER B 407 35.07 -16.55 -9.56
N TRP B 408 36.15 -17.33 -9.62
CA TRP B 408 36.42 -18.08 -10.85
C TRP B 408 35.34 -19.13 -11.09
N LEU B 409 34.65 -19.55 -10.03
CA LEU B 409 33.59 -20.55 -10.18
C LEU B 409 32.30 -19.88 -10.64
N GLY B 410 32.04 -18.69 -10.10
CA GLY B 410 30.84 -17.96 -10.50
C GLY B 410 30.91 -17.67 -11.99
N ASN B 411 32.06 -17.19 -12.43
CA ASN B 411 32.25 -16.87 -13.84
C ASN B 411 32.18 -18.11 -14.72
N ILE B 412 32.73 -19.22 -14.24
CA ILE B 412 32.67 -20.45 -15.02
C ILE B 412 31.21 -20.81 -15.26
N ILE B 413 30.40 -20.74 -14.21
CA ILE B 413 28.97 -21.06 -14.30
C ILE B 413 28.17 -20.08 -15.16
N MET B 414 28.36 -18.79 -14.94
CA MET B 414 27.63 -17.79 -15.71
C MET B 414 28.14 -17.61 -17.12
N TYR B 415 29.44 -17.80 -17.33
CA TYR B 415 30.03 -17.62 -18.64
C TYR B 415 30.57 -18.90 -19.26
N ALA B 416 30.03 -20.03 -18.82
CA ALA B 416 30.41 -21.35 -19.30
C ALA B 416 30.61 -21.45 -20.84
N PRO B 417 29.69 -20.86 -21.61
CA PRO B 417 29.77 -20.88 -23.08
C PRO B 417 30.93 -20.10 -23.70
N THR B 418 31.41 -19.07 -23.01
CA THR B 418 32.48 -18.22 -23.53
C THR B 418 33.81 -18.92 -23.79
N LEU B 419 34.44 -18.49 -24.90
CA LEU B 419 35.72 -18.99 -25.35
C LEU B 419 36.75 -18.96 -24.24
N TRP B 420 36.87 -17.81 -23.56
CA TRP B 420 37.85 -17.61 -22.50
C TRP B 420 37.68 -18.42 -21.23
N ALA B 421 36.44 -18.55 -20.77
CA ALA B 421 36.16 -19.30 -19.57
C ALA B 421 36.48 -20.77 -19.82
N ARG B 422 36.14 -21.24 -21.01
CA ARG B 422 36.38 -22.63 -21.39
C ARG B 422 37.86 -22.96 -21.57
N MET B 423 38.56 -22.08 -22.28
CA MET B 423 39.97 -22.33 -22.52
C MET B 423 40.84 -22.07 -21.32
N ILE B 424 40.53 -21.02 -20.58
CA ILE B 424 41.37 -20.66 -19.46
C ILE B 424 40.89 -21.04 -18.09
N LEU B 425 39.71 -20.56 -17.69
CA LEU B 425 39.20 -20.86 -16.36
C LEU B 425 38.99 -22.35 -16.06
N MET B 426 38.30 -23.06 -16.95
CA MET B 426 38.09 -24.48 -16.72
C MET B 426 39.42 -25.22 -16.64
N THR B 427 40.25 -25.02 -17.65
CA THR B 427 41.55 -25.68 -17.70
C THR B 427 42.44 -25.43 -16.48
N HIS B 428 42.72 -24.17 -16.20
CA HIS B 428 43.58 -23.80 -15.08
C HIS B 428 43.12 -24.27 -13.70
N PHE B 429 41.83 -24.16 -13.42
CA PHE B 429 41.36 -24.58 -12.11
C PHE B 429 41.13 -26.08 -11.97
N PHE B 430 40.61 -26.74 -13.00
CA PHE B 430 40.40 -28.18 -12.88
C PHE B 430 41.76 -28.83 -12.67
N SER B 431 42.79 -28.32 -13.35
CA SER B 431 44.14 -28.85 -13.20
C SER B 431 44.54 -28.75 -11.73
N ILE B 432 44.60 -27.52 -11.23
CA ILE B 432 44.97 -27.27 -9.85
C ILE B 432 44.21 -28.16 -8.84
N LEU B 433 42.91 -28.32 -9.04
CA LEU B 433 42.14 -29.14 -8.10
C LEU B 433 42.62 -30.58 -8.16
N LEU B 434 42.88 -31.07 -9.38
CA LEU B 434 43.37 -32.43 -9.53
C LEU B 434 44.69 -32.56 -8.77
N ALA B 435 45.67 -31.71 -9.09
CA ALA B 435 46.99 -31.74 -8.44
C ALA B 435 46.93 -31.67 -6.91
N GLN B 436 45.80 -31.20 -6.38
CA GLN B 436 45.68 -31.08 -4.93
C GLN B 436 44.67 -32.05 -4.34
N GLU B 437 44.03 -32.83 -5.21
CA GLU B 437 43.03 -33.81 -4.79
C GLU B 437 41.92 -33.13 -4.01
N GLN B 438 41.36 -32.08 -4.60
CA GLN B 438 40.31 -31.32 -3.93
C GLN B 438 39.12 -31.09 -4.85
N LEU B 439 38.92 -32.00 -5.79
CA LEU B 439 37.81 -31.90 -6.74
C LEU B 439 36.48 -32.17 -6.06
N GLU B 440 36.56 -32.85 -4.93
CA GLU B 440 35.37 -33.22 -4.15
C GLU B 440 34.83 -32.08 -3.31
N LYS B 441 35.72 -31.39 -2.59
CA LYS B 441 35.32 -30.29 -1.72
C LYS B 441 34.46 -29.29 -2.45
N ALA B 442 33.36 -28.88 -1.82
CA ALA B 442 32.45 -27.90 -2.37
C ALA B 442 33.08 -26.53 -2.10
N LEU B 443 32.89 -25.58 -3.01
CA LEU B 443 33.48 -24.25 -2.83
C LEU B 443 32.38 -23.18 -2.87
N ASP B 444 32.63 -22.07 -2.19
CA ASP B 444 31.65 -20.99 -2.16
C ASP B 444 31.82 -20.02 -3.31
N CYS B 445 30.70 -19.50 -3.78
CA CYS B 445 30.74 -18.54 -4.87
C CYS B 445 29.44 -17.76 -4.83
N GLN B 446 29.35 -16.71 -5.63
CA GLN B 446 28.15 -15.90 -5.67
C GLN B 446 27.50 -15.82 -7.03
N ILE B 447 26.18 -15.67 -7.02
CA ILE B 447 25.36 -15.57 -8.22
C ILE B 447 24.31 -14.53 -7.84
N TYR B 448 24.41 -13.35 -8.45
CA TYR B 448 23.49 -12.26 -8.17
C TYR B 448 23.52 -11.82 -6.70
N GLY B 449 24.70 -11.85 -6.10
CA GLY B 449 24.84 -11.40 -4.72
C GLY B 449 24.67 -12.44 -3.63
N ALA B 450 23.94 -13.51 -3.93
CA ALA B 450 23.71 -14.57 -2.95
C ALA B 450 24.84 -15.61 -2.96
N CYS B 451 25.20 -16.09 -1.78
CA CYS B 451 26.27 -17.08 -1.67
C CYS B 451 25.78 -18.51 -1.87
N TYR B 452 26.55 -19.28 -2.63
CA TYR B 452 26.21 -20.67 -2.90
C TYR B 452 27.42 -21.59 -2.65
N SER B 453 27.14 -22.82 -2.24
CA SER B 453 28.18 -23.82 -1.97
C SER B 453 27.97 -24.85 -3.09
N ILE B 454 28.95 -24.98 -4.00
CA ILE B 454 28.81 -25.91 -5.13
C ILE B 454 30.02 -26.84 -5.37
N GLU B 455 29.72 -28.06 -5.80
CA GLU B 455 30.74 -29.08 -6.08
C GLU B 455 31.31 -28.89 -7.49
N PRO B 456 32.62 -28.67 -7.60
CA PRO B 456 33.26 -28.48 -8.91
C PRO B 456 32.97 -29.61 -9.89
N LEU B 457 32.68 -30.79 -9.34
CA LEU B 457 32.42 -31.99 -10.14
C LEU B 457 31.00 -32.04 -10.70
N ASP B 458 30.20 -31.03 -10.40
CA ASP B 458 28.81 -31.00 -10.86
C ASP B 458 28.55 -30.03 -11.99
N LEU B 459 29.56 -29.26 -12.39
CA LEU B 459 29.44 -28.27 -13.46
C LEU B 459 28.93 -28.84 -14.77
N PRO B 460 29.23 -30.11 -15.07
CA PRO B 460 28.71 -30.61 -16.34
C PRO B 460 27.19 -30.50 -16.39
N GLN B 461 26.53 -30.87 -15.30
CA GLN B 461 25.06 -30.83 -15.23
C GLN B 461 24.57 -29.39 -15.20
N ILE B 462 25.18 -28.61 -14.33
CA ILE B 462 24.85 -27.20 -14.15
C ILE B 462 24.94 -26.44 -15.45
N ILE B 463 26.07 -26.55 -16.14
CA ILE B 463 26.28 -25.84 -17.39
C ILE B 463 25.28 -26.24 -18.48
N GLU B 464 24.90 -27.52 -18.50
CA GLU B 464 23.96 -28.03 -19.48
C GLU B 464 22.59 -27.41 -19.21
N ARG B 465 22.14 -27.49 -17.96
CA ARG B 465 20.85 -26.94 -17.54
C ARG B 465 20.68 -25.46 -17.90
N LEU B 466 21.62 -24.65 -17.45
CA LEU B 466 21.59 -23.22 -17.70
C LEU B 466 21.71 -22.82 -19.16
N HIS B 467 22.80 -23.26 -19.79
CA HIS B 467 23.08 -22.90 -21.16
C HIS B 467 22.73 -23.92 -22.25
N GLY B 468 22.62 -25.19 -21.87
CA GLY B 468 22.32 -26.23 -22.84
C GLY B 468 23.61 -26.91 -23.33
N LEU B 469 23.48 -28.03 -24.03
CA LEU B 469 24.66 -28.76 -24.53
C LEU B 469 25.58 -27.98 -25.48
N SER B 470 24.99 -27.16 -26.34
CA SER B 470 25.80 -26.37 -27.28
C SER B 470 26.98 -25.75 -26.55
N ALA B 471 26.79 -25.41 -25.28
CA ALA B 471 27.86 -24.80 -24.49
C ALA B 471 29.14 -25.63 -24.43
N PHE B 472 29.03 -26.90 -24.84
CA PHE B 472 30.20 -27.78 -24.80
C PHE B 472 30.83 -28.05 -26.17
N THR B 473 30.24 -27.46 -27.21
CA THR B 473 30.74 -27.61 -28.59
C THR B 473 30.66 -26.30 -29.37
N LEU B 474 30.69 -25.18 -28.67
CA LEU B 474 30.62 -23.89 -29.35
C LEU B 474 31.93 -23.62 -30.06
N HIS B 475 31.85 -22.91 -31.18
CA HIS B 475 33.04 -22.58 -31.95
C HIS B 475 32.73 -21.55 -33.04
N SER B 476 33.79 -20.99 -33.62
CA SER B 476 33.60 -19.99 -34.66
C SER B 476 32.96 -18.76 -34.03
N TYR B 477 33.64 -18.20 -33.03
CA TYR B 477 33.13 -17.00 -32.38
C TYR B 477 33.20 -15.83 -33.35
N SER B 478 32.58 -14.71 -33.01
CA SER B 478 32.62 -13.55 -33.90
C SER B 478 33.98 -12.88 -33.82
N PRO B 479 34.25 -11.95 -34.75
CA PRO B 479 35.53 -11.23 -34.76
C PRO B 479 35.69 -10.37 -33.53
N GLY B 480 34.65 -9.62 -33.17
CA GLY B 480 34.75 -8.76 -32.00
C GLY B 480 35.23 -9.52 -30.78
N GLU B 481 34.53 -10.62 -30.50
CA GLU B 481 34.83 -11.49 -29.35
C GLU B 481 36.27 -11.97 -29.35
N ILE B 482 36.71 -12.57 -30.45
CA ILE B 482 38.09 -13.06 -30.55
C ILE B 482 39.07 -11.89 -30.39
N ASN B 483 38.79 -10.77 -31.04
CA ASN B 483 39.68 -9.61 -30.93
C ASN B 483 39.82 -9.20 -29.49
N ARG B 484 38.69 -9.12 -28.79
CA ARG B 484 38.71 -8.73 -27.39
C ARG B 484 39.47 -9.75 -26.55
N VAL B 485 39.21 -11.03 -26.79
CA VAL B 485 39.92 -12.06 -26.04
C VAL B 485 41.42 -12.00 -26.27
N ALA B 486 41.84 -11.96 -27.53
CA ALA B 486 43.28 -11.92 -27.84
C ALA B 486 43.97 -10.70 -27.22
N SER B 487 43.30 -9.54 -27.26
CA SER B 487 43.87 -8.31 -26.70
C SER B 487 44.12 -8.46 -25.21
N CYS B 488 43.15 -9.05 -24.52
CA CYS B 488 43.26 -9.27 -23.09
C CYS B 488 44.50 -10.12 -22.81
N LEU B 489 44.56 -11.28 -23.46
CA LEU B 489 45.68 -12.20 -23.28
C LEU B 489 47.03 -11.49 -23.41
N ARG B 490 47.19 -10.74 -24.50
CA ARG B 490 48.43 -10.00 -24.71
C ARG B 490 48.67 -9.06 -23.55
N LYS B 491 47.62 -8.32 -23.21
CA LYS B 491 47.68 -7.34 -22.14
C LYS B 491 48.04 -7.93 -20.79
N LEU B 492 47.53 -9.12 -20.48
CA LEU B 492 47.82 -9.76 -19.20
C LEU B 492 48.99 -10.74 -19.29
N GLY B 493 49.34 -11.11 -20.52
CA GLY B 493 50.43 -12.04 -20.73
C GLY B 493 49.97 -13.46 -20.50
N VAL B 494 48.77 -13.79 -20.97
CA VAL B 494 48.23 -15.13 -20.79
C VAL B 494 48.71 -16.04 -21.93
N PRO B 495 49.22 -17.23 -21.58
CA PRO B 495 49.71 -18.17 -22.60
C PRO B 495 48.69 -18.31 -23.73
N PRO B 496 49.17 -18.74 -24.92
CA PRO B 496 48.36 -18.93 -26.13
C PRO B 496 47.59 -20.24 -26.07
N LEU B 497 46.65 -20.41 -26.99
CA LEU B 497 45.82 -21.60 -27.05
C LEU B 497 46.63 -22.90 -26.92
N ARG B 498 47.71 -22.98 -27.69
CA ARG B 498 48.59 -24.14 -27.71
C ARG B 498 48.93 -24.63 -26.30
N THR B 499 49.28 -23.72 -25.40
CA THR B 499 49.61 -24.13 -24.04
C THR B 499 48.37 -24.58 -23.28
N TRP B 500 47.23 -23.99 -23.59
CA TRP B 500 46.00 -24.35 -22.89
C TRP B 500 45.42 -25.66 -23.42
N ARG B 501 45.61 -25.92 -24.70
CA ARG B 501 45.10 -27.14 -25.29
C ARG B 501 45.93 -28.29 -24.72
N HIS B 502 47.23 -28.02 -24.53
CA HIS B 502 48.17 -28.98 -23.98
C HIS B 502 47.75 -29.38 -22.59
N ARG B 503 47.53 -28.38 -21.73
CA ARG B 503 47.12 -28.63 -20.35
C ARG B 503 45.72 -29.26 -20.27
N ALA B 504 44.85 -28.84 -21.17
CA ALA B 504 43.48 -29.34 -21.21
C ALA B 504 43.50 -30.86 -21.35
N ARG B 505 44.30 -31.34 -22.31
CA ARG B 505 44.45 -32.77 -22.55
C ARG B 505 44.98 -33.47 -21.29
N SER B 506 46.14 -33.04 -20.80
CA SER B 506 46.71 -33.66 -19.60
C SER B 506 45.63 -33.78 -18.53
N VAL B 507 44.97 -32.67 -18.22
CA VAL B 507 43.92 -32.66 -17.21
C VAL B 507 42.76 -33.57 -17.65
N ARG B 508 42.42 -33.52 -18.94
CA ARG B 508 41.34 -34.32 -19.48
C ARG B 508 41.61 -35.82 -19.36
N ALA B 509 42.86 -36.20 -19.64
CA ALA B 509 43.25 -37.60 -19.58
C ALA B 509 43.32 -38.08 -18.13
N LYS B 510 43.67 -37.17 -17.24
CA LYS B 510 43.79 -37.50 -15.82
C LYS B 510 42.40 -37.55 -15.17
N LEU B 511 41.42 -36.91 -15.80
CA LEU B 511 40.05 -36.87 -15.27
C LEU B 511 39.23 -38.06 -15.73
N LEU B 512 39.63 -38.69 -16.82
CA LEU B 512 38.88 -39.84 -17.29
C LEU B 512 39.34 -41.05 -16.48
N SER B 513 40.66 -41.13 -16.31
CA SER B 513 41.29 -42.20 -15.54
C SER B 513 40.76 -42.23 -14.11
N GLN B 514 39.76 -41.38 -13.83
CA GLN B 514 39.17 -41.35 -12.51
C GLN B 514 37.73 -41.87 -12.58
N GLY B 515 37.15 -41.78 -13.77
CA GLY B 515 35.79 -42.26 -13.99
C GLY B 515 34.75 -41.67 -13.05
N GLY B 516 33.50 -41.65 -13.50
CA GLY B 516 32.42 -41.11 -12.68
C GLY B 516 32.10 -39.68 -13.03
N ARG B 517 32.05 -38.81 -12.03
CA ARG B 517 31.76 -37.40 -12.29
C ARG B 517 33.01 -36.77 -12.91
N ALA B 518 34.15 -37.02 -12.30
CA ALA B 518 35.40 -36.48 -12.82
C ALA B 518 35.50 -36.83 -14.30
N ALA B 519 35.10 -38.06 -14.64
CA ALA B 519 35.14 -38.52 -16.03
C ALA B 519 34.18 -37.76 -16.96
N THR B 520 32.98 -37.47 -16.49
CA THR B 520 32.04 -36.75 -17.36
C THR B 520 32.54 -35.30 -17.50
N CYS B 521 33.32 -34.86 -16.51
CA CYS B 521 33.88 -33.51 -16.53
C CYS B 521 34.89 -33.44 -17.66
N GLY B 522 35.87 -34.34 -17.62
CA GLY B 522 36.90 -34.38 -18.64
C GLY B 522 36.34 -34.83 -19.98
N ARG B 523 35.05 -35.10 -20.02
CA ARG B 523 34.42 -35.55 -21.24
C ARG B 523 33.66 -34.40 -21.92
N TYR B 524 32.83 -33.72 -21.15
CA TYR B 524 32.04 -32.63 -21.70
C TYR B 524 32.76 -31.26 -21.73
N LEU B 525 33.44 -30.94 -20.63
CA LEU B 525 34.14 -29.67 -20.49
C LEU B 525 35.34 -29.46 -21.38
N PHE B 526 36.15 -30.51 -21.52
CA PHE B 526 37.35 -30.45 -22.30
C PHE B 526 37.34 -31.24 -23.60
N ASN B 527 36.26 -31.13 -24.38
CA ASN B 527 36.18 -31.81 -25.66
C ASN B 527 36.85 -30.97 -26.73
N TRP B 528 36.81 -29.65 -26.56
CA TRP B 528 37.42 -28.72 -27.49
C TRP B 528 38.95 -28.97 -27.61
N ALA B 529 39.55 -29.59 -26.59
CA ALA B 529 40.99 -29.86 -26.55
C ALA B 529 41.52 -30.96 -27.47
N VAL B 530 40.64 -31.88 -27.86
CA VAL B 530 40.99 -33.03 -28.70
C VAL B 530 40.65 -32.87 -30.19
N ARG B 531 41.54 -33.39 -31.07
CA ARG B 531 41.35 -33.31 -32.52
C ARG B 531 40.23 -34.19 -33.05
N THR B 532 39.88 -35.23 -32.30
CA THR B 532 38.78 -36.13 -32.69
C THR B 532 37.69 -35.96 -31.63
N LYS B 533 36.64 -35.22 -31.99
CA LYS B 533 35.55 -34.96 -31.07
C LYS B 533 34.70 -36.20 -30.84
N LEU B 534 34.23 -36.35 -29.60
CA LEU B 534 33.36 -37.46 -29.24
C LEU B 534 31.95 -36.91 -29.41
N LYS B 535 30.98 -37.81 -29.52
CA LYS B 535 29.58 -37.41 -29.68
C LYS B 535 29.02 -37.19 -28.28
N LEU B 536 28.67 -35.94 -27.98
CA LEU B 536 28.12 -35.60 -26.67
C LEU B 536 26.61 -35.77 -26.69
N THR B 537 26.07 -36.17 -25.54
CA THR B 537 24.64 -36.38 -25.43
C THR B 537 24.16 -35.81 -24.12
N PRO B 538 22.90 -35.38 -24.07
CA PRO B 538 22.33 -34.81 -22.84
C PRO B 538 22.72 -35.66 -21.65
N ILE B 539 23.18 -35.01 -20.60
CA ILE B 539 23.60 -35.68 -19.37
C ILE B 539 22.37 -35.99 -18.53
N PRO B 540 22.43 -37.07 -17.71
CA PRO B 540 21.31 -37.50 -16.85
C PRO B 540 20.89 -36.46 -15.81
N ALA B 541 21.71 -36.31 -14.77
CA ALA B 541 21.43 -35.38 -13.68
C ALA B 541 20.96 -33.99 -14.15
N ALA B 542 21.23 -33.66 -15.40
CA ALA B 542 20.81 -32.36 -15.94
C ALA B 542 19.28 -32.23 -15.96
N SER B 543 18.57 -33.32 -16.24
CA SER B 543 17.10 -33.27 -16.25
C SER B 543 16.58 -33.04 -14.84
N GLN B 544 16.76 -34.03 -13.95
CA GLN B 544 16.31 -33.90 -12.57
C GLN B 544 17.22 -32.93 -11.82
N LEU B 545 17.09 -31.64 -12.13
CA LEU B 545 17.93 -30.64 -11.47
C LEU B 545 17.28 -29.27 -11.49
N ASP B 546 16.91 -28.77 -10.30
CA ASP B 546 16.29 -27.46 -10.17
C ASP B 546 17.24 -26.39 -9.60
N LEU B 547 17.48 -25.37 -10.41
CA LEU B 547 18.37 -24.28 -10.04
C LEU B 547 17.64 -22.94 -10.11
N SER B 548 16.34 -22.98 -10.43
CA SER B 548 15.54 -21.77 -10.54
C SER B 548 15.83 -20.76 -9.45
N GLY B 549 15.90 -21.25 -8.21
CA GLY B 549 16.16 -20.38 -7.07
C GLY B 549 17.45 -19.57 -7.17
N TRP B 550 18.22 -19.85 -8.22
CA TRP B 550 19.47 -19.16 -8.46
C TRP B 550 19.22 -17.84 -9.15
N PHE B 551 18.12 -17.80 -9.90
CA PHE B 551 17.77 -16.62 -10.65
C PHE B 551 16.39 -16.08 -10.33
N VAL B 552 16.22 -15.69 -9.07
CA VAL B 552 14.96 -15.12 -8.60
C VAL B 552 15.10 -13.60 -8.41
N ALA B 553 16.11 -13.18 -7.66
CA ALA B 553 16.31 -11.76 -7.42
C ALA B 553 17.73 -11.43 -6.99
N GLY B 554 18.03 -10.13 -6.99
CA GLY B 554 19.34 -9.65 -6.59
C GLY B 554 19.47 -9.51 -5.09
N TYR B 555 20.64 -9.87 -4.58
CA TYR B 555 20.95 -9.81 -3.17
C TYR B 555 22.33 -9.21 -2.86
N SER B 556 22.95 -8.58 -3.85
CA SER B 556 24.26 -7.97 -3.67
C SER B 556 24.20 -7.08 -2.43
N GLY B 557 25.08 -7.34 -1.46
CA GLY B 557 25.07 -6.53 -0.25
C GLY B 557 24.01 -6.95 0.76
N GLY B 558 23.19 -7.94 0.43
CA GLY B 558 22.17 -8.38 1.34
C GLY B 558 22.53 -9.45 2.35
N ASP B 559 23.78 -9.90 2.37
CA ASP B 559 24.24 -10.93 3.31
C ASP B 559 23.35 -12.19 3.25
N ILE B 560 23.12 -12.68 2.04
CA ILE B 560 22.25 -13.83 1.81
C ILE B 560 22.99 -15.13 1.46
N TYR B 561 22.57 -16.23 2.07
CA TYR B 561 23.18 -17.55 1.86
C TYR B 561 22.08 -18.53 1.44
N HIS B 562 22.23 -19.14 0.28
CA HIS B 562 21.23 -20.08 -0.23
C HIS B 562 21.72 -21.53 -0.19
N SER B 563 20.98 -22.41 0.49
CA SER B 563 21.38 -23.82 0.60
C SER B 563 20.20 -24.79 0.68
C1 1O6 C . -49.74 17.97 -1.81
C2 1O6 C . -48.52 18.02 -0.89
C3 1O6 C . -48.82 18.82 0.39
C4 1O6 C . -50.06 18.28 1.14
C5 1O6 C . -51.30 18.19 0.21
C6 1O6 C . -50.99 17.42 -1.09
C7 1O6 C . -52.21 17.45 -2.05
O8 1O6 C . -52.39 18.45 -2.77
C9 1O6 C . -54.30 16.42 -3.05
N10 1O6 C . -53.13 16.33 -2.08
C11 1O6 C . -52.97 15.13 -1.26
C12 1O6 C . -52.12 14.01 -1.60
C13 1O6 C . -52.04 12.89 -0.74
C14 1O6 C . -52.79 12.84 0.47
C15 1O6 C . -53.63 13.95 0.83
C16 1O6 C . -53.71 15.07 -0.04
C17 1O6 C . -51.33 13.99 -2.83
O18 1O6 C . -51.33 12.78 -3.43
O19 1O6 C . -50.69 14.92 -3.29
O20 1O6 C . -52.62 11.69 1.21
C21 1O6 C . -52.68 11.70 2.59
C22 1O6 C . -53.73 11.00 3.26
C23 1O6 C . -53.78 11.00 4.67
C24 1O6 C . -52.79 11.69 5.43
C25 1O6 C . -51.74 12.39 4.76
C26 1O6 C . -51.68 12.40 3.34
C28 1O6 C . -47.59 18.78 1.31
C29 1O6 C . -54.40 15.34 -4.13
C30 1O6 C . -55.67 16.49 -2.31
MG MG D . -27.44 -3.72 10.65
MG MG E . 28.40 1.78 -12.85
#